data_3G64
#
_entry.id   3G64
#
_cell.length_a   116.167
_cell.length_b   191.297
_cell.length_c   93.723
_cell.angle_alpha   90.00
_cell.angle_beta   90.00
_cell.angle_gamma   90.00
#
_symmetry.space_group_name_H-M   'C 2 2 21'
#
loop_
_entity.id
_entity.type
_entity.pdbx_description
1 polymer 'Putative enoyl-CoA hydratase'
2 non-polymer 'ZINC ION'
3 non-polymer GLYCEROL
4 non-polymer 'SULFATE ION'
5 non-polymer 1,2-ETHANEDIOL
6 water water
#
_entity_poly.entity_id   1
_entity_poly.type   'polypeptide(L)'
_entity_poly.pdbx_seq_one_letter_code
;GH(MSE)SPFTGSAAPTPEWRHLRVEITDGVATVTLARPDKLNALTFEAYADLRDLLAELSRRRAVRALVLAGEGRGFCS
GGDVDEIIGATLS(MSE)DTARLLDFNR(MSE)TGQVVRAVRECPFPVIAALHGVAAGAGAVLALAADFRVADPSTRFAF
LFTRVGLSGGD(MSE)GAAYLLPRVVGLGHATRLL(MSE)LGDTVRAPEAERIGLISELTEEGRADEAARTLARRLADGP
ALAHAQTKALLTAELD(MSE)PLAAAVELDASTQALL(MSE)TGEDYAEFHAAFTEKRPPKWQGRGS
;
_entity_poly.pdbx_strand_id   A,B,C
#
# COMPACT_ATOMS: atom_id res chain seq x y z
N SER A 4 25.28 -24.19 -1.09
CA SER A 4 24.30 -25.27 -1.17
C SER A 4 24.90 -26.49 -1.86
N PRO A 5 24.73 -27.69 -1.25
CA PRO A 5 25.19 -28.96 -1.82
C PRO A 5 24.26 -29.54 -2.88
N PHE A 6 23.14 -28.88 -3.19
CA PHE A 6 22.14 -29.50 -4.05
C PHE A 6 22.38 -29.21 -5.54
N THR A 7 23.46 -29.77 -6.06
CA THR A 7 23.82 -29.64 -7.46
C THR A 7 23.73 -31.01 -8.08
N GLY A 8 23.68 -31.03 -9.41
CA GLY A 8 23.55 -32.28 -10.14
C GLY A 8 24.39 -32.24 -11.40
N SER A 9 23.81 -32.64 -12.53
CA SER A 9 24.52 -32.66 -13.78
C SER A 9 24.90 -31.26 -14.27
N ALA A 10 24.07 -30.27 -14.01
CA ALA A 10 24.29 -28.92 -14.50
C ALA A 10 25.50 -28.23 -13.83
N ALA A 11 26.46 -27.77 -14.64
CA ALA A 11 27.63 -27.06 -14.12
C ALA A 11 27.44 -25.54 -14.18
N PRO A 12 28.10 -24.81 -13.27
CA PRO A 12 28.09 -23.33 -13.26
C PRO A 12 28.64 -22.75 -14.55
N THR A 13 28.05 -21.65 -15.02
CA THR A 13 28.56 -20.94 -16.18
C THR A 13 29.94 -20.35 -15.91
N PRO A 14 30.97 -20.75 -16.68
CA PRO A 14 32.32 -20.26 -16.39
C PRO A 14 32.45 -18.73 -16.54
N GLU A 15 31.85 -18.18 -17.59
CA GLU A 15 32.07 -16.77 -17.90
C GLU A 15 30.78 -16.09 -18.33
N TRP A 16 30.47 -14.96 -17.72
CA TRP A 16 29.27 -14.21 -18.08
C TRP A 16 29.69 -13.10 -19.03
N ARG A 17 29.19 -13.15 -20.26
N ARG A 17 29.22 -13.16 -20.27
CA ARG A 17 29.71 -12.29 -21.33
CA ARG A 17 29.72 -12.28 -21.34
C ARG A 17 28.93 -10.99 -21.50
C ARG A 17 28.94 -10.98 -21.48
N HIS A 18 27.68 -10.97 -21.04
CA HIS A 18 26.81 -9.82 -21.30
C HIS A 18 26.55 -8.91 -20.11
N LEU A 19 27.21 -9.20 -19.00
CA LEU A 19 27.27 -8.27 -17.88
C LEU A 19 28.55 -8.63 -17.13
N ARG A 20 28.96 -7.78 -16.19
CA ARG A 20 30.15 -8.09 -15.42
C ARG A 20 29.76 -8.60 -14.04
N VAL A 21 30.29 -9.77 -13.69
CA VAL A 21 29.96 -10.41 -12.42
C VAL A 21 31.24 -10.65 -11.62
N GLU A 22 31.28 -10.09 -10.42
CA GLU A 22 32.41 -10.25 -9.49
C GLU A 22 31.84 -10.63 -8.16
N ILE A 23 32.44 -11.65 -7.52
CA ILE A 23 32.06 -12.09 -6.18
C ILE A 23 33.25 -12.01 -5.23
N THR A 24 33.08 -11.27 -4.14
CA THR A 24 34.10 -11.17 -3.11
C THR A 24 33.50 -11.38 -1.73
N ASP A 25 33.92 -12.44 -1.05
CA ASP A 25 33.53 -12.68 0.34
C ASP A 25 32.00 -12.67 0.47
N GLY A 26 31.35 -13.38 -0.43
CA GLY A 26 29.90 -13.54 -0.35
C GLY A 26 29.05 -12.38 -0.89
N VAL A 27 29.70 -11.35 -1.42
CA VAL A 27 28.97 -10.27 -2.07
C VAL A 27 29.17 -10.33 -3.58
N ALA A 28 28.08 -10.49 -4.34
CA ALA A 28 28.17 -10.40 -5.79
C ALA A 28 27.94 -8.97 -6.24
N THR A 29 28.77 -8.49 -7.16
CA THR A 29 28.50 -7.22 -7.82
C THR A 29 28.24 -7.48 -9.30
N VAL A 30 27.07 -7.06 -9.77
CA VAL A 30 26.70 -7.22 -11.17
C VAL A 30 26.69 -5.83 -11.75
N THR A 31 27.64 -5.54 -12.63
CA THR A 31 27.64 -4.26 -13.28
C THR A 31 27.14 -4.39 -14.71
N LEU A 32 26.07 -3.67 -15.03
CA LEU A 32 25.55 -3.67 -16.39
C LEU A 32 26.63 -3.24 -17.39
N ALA A 33 26.61 -3.88 -18.55
CA ALA A 33 27.53 -3.56 -19.63
C ALA A 33 27.03 -2.37 -20.51
N ARG A 34 27.98 -1.69 -21.14
CA ARG A 34 27.72 -0.66 -22.17
C ARG A 34 27.46 0.74 -21.69
N PRO A 35 28.42 1.32 -20.96
CA PRO A 35 28.28 2.66 -20.39
C PRO A 35 28.07 3.70 -21.47
N ASP A 36 28.65 3.47 -22.66
CA ASP A 36 28.51 4.41 -23.77
C ASP A 36 27.07 4.50 -24.28
N LYS A 37 26.25 3.52 -23.92
CA LYS A 37 24.85 3.52 -24.30
C LYS A 37 23.96 3.63 -23.06
N LEU A 38 24.53 4.13 -21.96
N LEU A 38 24.52 4.10 -21.96
CA LEU A 38 23.78 4.24 -20.72
CA LEU A 38 23.73 4.24 -20.75
C LEU A 38 23.26 2.86 -20.32
C LEU A 38 23.28 2.86 -20.27
N ASN A 39 24.09 1.85 -20.57
CA ASN A 39 23.80 0.49 -20.16
C ASN A 39 22.49 -0.09 -20.68
N ALA A 40 22.03 0.42 -21.83
CA ALA A 40 20.82 -0.12 -22.45
C ALA A 40 20.92 -1.64 -22.61
N LEU A 41 19.84 -2.30 -22.22
CA LEU A 41 19.77 -3.75 -22.19
C LEU A 41 19.49 -4.38 -23.55
N THR A 42 20.14 -5.51 -23.80
CA THR A 42 19.90 -6.29 -25.00
C THR A 42 19.23 -7.62 -24.59
N PHE A 43 18.80 -8.39 -25.59
CA PHE A 43 18.24 -9.69 -25.32
C PHE A 43 19.18 -10.53 -24.49
N GLU A 44 20.47 -10.49 -24.84
CA GLU A 44 21.47 -11.33 -24.17
C GLU A 44 21.74 -10.89 -22.74
N ALA A 45 21.59 -9.60 -22.45
CA ALA A 45 21.78 -9.14 -21.08
C ALA A 45 20.61 -9.62 -20.19
N TYR A 46 19.39 -9.55 -20.73
CA TYR A 46 18.26 -10.13 -20.01
C TYR A 46 18.50 -11.62 -19.76
N ALA A 47 19.04 -12.33 -20.75
CA ALA A 47 19.24 -13.78 -20.61
C ALA A 47 20.26 -14.07 -19.54
N ASP A 48 21.30 -13.24 -19.47
CA ASP A 48 22.31 -13.43 -18.43
C ASP A 48 21.78 -13.07 -17.06
N LEU A 49 20.96 -12.01 -16.98
CA LEU A 49 20.33 -11.72 -15.68
C LEU A 49 19.52 -12.93 -15.20
N ARG A 50 18.70 -13.47 -16.10
CA ARG A 50 17.80 -14.57 -15.73
C ARG A 50 18.63 -15.75 -15.23
N ASP A 51 19.62 -16.13 -16.04
CA ASP A 51 20.37 -17.36 -15.79
C ASP A 51 21.36 -17.21 -14.65
N LEU A 52 21.96 -16.03 -14.51
CA LEU A 52 22.84 -15.76 -13.37
C LEU A 52 22.06 -15.82 -12.07
N LEU A 53 20.91 -15.17 -12.01
CA LEU A 53 20.13 -15.20 -10.77
C LEU A 53 19.72 -16.62 -10.42
N ALA A 54 19.34 -17.40 -11.42
CA ALA A 54 18.93 -18.79 -11.17
C ALA A 54 20.13 -19.58 -10.62
N GLU A 55 21.29 -19.35 -11.21
CA GLU A 55 22.49 -20.03 -10.75
C GLU A 55 22.91 -19.63 -9.31
N LEU A 56 22.97 -18.32 -9.03
CA LEU A 56 23.27 -17.88 -7.67
C LEU A 56 22.22 -18.38 -6.66
N SER A 57 20.98 -18.50 -7.09
CA SER A 57 19.91 -18.88 -6.20
C SER A 57 20.03 -20.35 -5.84
N ARG A 58 20.25 -21.20 -6.83
CA ARG A 58 20.28 -22.63 -6.58
C ARG A 58 21.50 -23.03 -5.78
N ARG A 59 22.59 -22.28 -5.89
CA ARG A 59 23.80 -22.61 -5.14
C ARG A 59 23.89 -21.82 -3.82
N ARG A 60 22.88 -20.99 -3.53
CA ARG A 60 22.89 -20.12 -2.36
C ARG A 60 24.31 -19.56 -2.17
N ALA A 61 24.78 -18.94 -3.26
CA ALA A 61 26.18 -18.68 -3.47
C ALA A 61 26.67 -17.46 -2.67
N VAL A 62 25.86 -16.42 -2.67
CA VAL A 62 26.22 -15.15 -2.11
C VAL A 62 25.24 -14.77 -1.01
N ARG A 63 25.60 -13.77 -0.24
CA ARG A 63 24.78 -13.30 0.86
C ARG A 63 24.25 -11.91 0.59
N ALA A 64 24.66 -11.32 -0.53
CA ALA A 64 24.14 -10.01 -0.96
C ALA A 64 24.54 -9.77 -2.40
N LEU A 65 23.74 -9.00 -3.11
CA LEU A 65 24.07 -8.66 -4.48
C LEU A 65 23.82 -7.18 -4.75
N VAL A 66 24.81 -6.55 -5.34
CA VAL A 66 24.72 -5.16 -5.78
C VAL A 66 24.54 -5.14 -7.28
N LEU A 67 23.54 -4.40 -7.74
CA LEU A 67 23.30 -4.20 -9.16
C LEU A 67 23.74 -2.76 -9.48
N ALA A 68 24.68 -2.60 -10.40
CA ALA A 68 25.25 -1.29 -10.68
C ALA A 68 25.36 -1.03 -12.19
N GLY A 69 25.60 0.23 -12.55
CA GLY A 69 25.82 0.64 -13.92
C GLY A 69 26.96 1.68 -13.99
N GLU A 70 27.87 1.54 -14.95
CA GLU A 70 28.92 2.56 -15.09
C GLU A 70 28.56 3.62 -16.12
N GLY A 71 29.31 4.72 -16.12
CA GLY A 71 29.05 5.81 -17.05
C GLY A 71 28.17 6.90 -16.46
N ARG A 72 27.42 7.57 -17.33
CA ARG A 72 26.61 8.73 -16.94
C ARG A 72 25.31 8.37 -16.21
N GLY A 73 24.94 7.09 -16.19
CA GLY A 73 23.73 6.70 -15.48
C GLY A 73 23.56 5.21 -15.27
N PHE A 74 22.53 4.88 -14.49
CA PHE A 74 22.33 3.50 -14.09
C PHE A 74 21.92 2.63 -15.29
N CYS A 75 20.77 2.93 -15.90
CA CYS A 75 20.26 2.11 -17.01
C CYS A 75 19.11 2.84 -17.69
N SER A 76 19.22 3.07 -18.99
CA SER A 76 18.18 3.74 -19.76
C SER A 76 17.05 2.81 -20.24
N GLY A 77 17.15 1.52 -19.91
CA GLY A 77 16.13 0.58 -20.33
C GLY A 77 16.53 -0.25 -21.52
N GLY A 78 15.53 -0.80 -22.20
CA GLY A 78 15.79 -1.66 -23.36
C GLY A 78 16.33 -0.86 -24.54
N ASP A 79 17.28 -1.44 -25.26
CA ASP A 79 17.87 -0.75 -26.41
C ASP A 79 16.83 -0.49 -27.51
N VAL A 80 16.76 0.74 -27.99
CA VAL A 80 15.72 1.09 -28.97
C VAL A 80 15.82 0.37 -30.31
N ASP A 81 17.03 0.09 -30.78
CA ASP A 81 17.19 -0.64 -32.02
C ASP A 81 17.30 -2.15 -31.81
N GLU A 82 18.08 -2.55 -30.81
CA GLU A 82 18.39 -3.94 -30.61
C GLU A 82 17.26 -4.71 -29.93
N ILE A 83 16.36 -3.98 -29.26
CA ILE A 83 15.17 -4.60 -28.71
C ILE A 83 13.96 -4.17 -29.51
N ILE A 84 13.58 -2.90 -29.41
CA ILE A 84 12.34 -2.46 -30.04
C ILE A 84 12.31 -2.71 -31.55
N GLY A 85 13.34 -2.26 -32.25
CA GLY A 85 13.41 -2.50 -33.68
C GLY A 85 13.33 -4.00 -33.98
N ALA A 86 14.04 -4.81 -33.21
CA ALA A 86 13.99 -6.25 -33.46
C ALA A 86 12.59 -6.86 -33.18
N THR A 87 11.91 -6.40 -32.13
CA THR A 87 10.59 -6.98 -31.82
C THR A 87 9.56 -6.70 -32.91
N LEU A 88 9.79 -5.65 -33.69
CA LEU A 88 8.85 -5.33 -34.77
C LEU A 88 8.80 -6.40 -35.87
N SER A 89 9.77 -7.31 -35.91
CA SER A 89 9.59 -8.38 -36.89
C SER A 89 9.58 -9.79 -36.25
N ASP A 91 7.73 -13.10 -34.44
CA ASP A 91 6.46 -13.83 -34.44
C ASP A 91 5.79 -13.75 -33.06
N THR A 92 4.52 -14.11 -33.04
CA THR A 92 3.72 -14.06 -31.83
C THR A 92 4.32 -14.83 -30.64
N ALA A 93 4.86 -16.01 -30.88
CA ALA A 93 5.42 -16.78 -29.76
C ALA A 93 6.65 -16.08 -29.17
N ARG A 94 7.48 -15.50 -30.03
N ARG A 94 7.50 -15.53 -30.04
CA ARG A 94 8.70 -14.83 -29.57
CA ARG A 94 8.70 -14.83 -29.57
C ARG A 94 8.44 -13.49 -28.90
C ARG A 94 8.38 -13.54 -28.84
N LEU A 95 7.37 -12.82 -29.30
CA LEU A 95 6.92 -11.62 -28.56
C LEU A 95 6.52 -12.00 -27.13
N LEU A 96 5.78 -13.10 -26.99
CA LEU A 96 5.38 -13.53 -25.67
C LEU A 96 6.59 -13.99 -24.86
N ASP A 97 7.48 -14.75 -25.51
CA ASP A 97 8.67 -15.25 -24.81
C ASP A 97 9.53 -14.08 -24.27
N PHE A 98 9.67 -13.02 -25.08
CA PHE A 98 10.52 -11.88 -24.64
C PHE A 98 9.88 -11.22 -23.40
N ASN A 99 8.58 -10.93 -23.47
CA ASN A 99 7.95 -10.28 -22.34
C ASN A 99 7.83 -11.15 -21.11
N ARG A 100 7.76 -12.46 -21.32
CA ARG A 100 7.77 -13.35 -20.17
C ARG A 100 9.16 -13.36 -19.54
N THR A 102 11.38 -10.95 -19.41
CA THR A 102 11.69 -9.76 -18.61
C THR A 102 10.95 -9.79 -17.27
N GLY A 103 9.67 -10.17 -17.31
CA GLY A 103 8.91 -10.37 -16.08
C GLY A 103 9.54 -11.39 -15.16
N GLN A 104 10.11 -12.46 -15.70
N GLN A 104 10.10 -12.45 -15.75
CA GLN A 104 10.70 -13.45 -14.80
CA GLN A 104 10.78 -13.50 -15.00
C GLN A 104 12.07 -12.98 -14.27
C GLN A 104 12.01 -12.94 -14.28
N VAL A 105 12.70 -12.00 -14.94
CA VAL A 105 13.89 -11.39 -14.33
C VAL A 105 13.51 -10.67 -13.04
N VAL A 106 12.45 -9.85 -13.12
CA VAL A 106 11.97 -9.11 -11.97
C VAL A 106 11.51 -10.06 -10.86
N ARG A 107 10.79 -11.12 -11.25
CA ARG A 107 10.36 -12.10 -10.26
C ARG A 107 11.58 -12.76 -9.60
N ALA A 108 12.59 -13.08 -10.41
CA ALA A 108 13.81 -13.69 -9.87
C ALA A 108 14.51 -12.75 -8.86
N VAL A 109 14.50 -11.43 -9.15
CA VAL A 109 15.04 -10.50 -8.15
C VAL A 109 14.23 -10.56 -6.87
N ARG A 110 12.90 -10.58 -6.99
CA ARG A 110 12.04 -10.64 -5.81
C ARG A 110 12.21 -11.96 -5.01
N GLU A 111 12.65 -13.03 -5.67
N GLU A 111 12.71 -13.01 -5.67
CA GLU A 111 12.63 -14.35 -5.02
CA GLU A 111 12.80 -14.35 -5.05
C GLU A 111 13.98 -14.92 -4.62
C GLU A 111 14.22 -14.89 -4.82
N CYS A 112 15.08 -14.29 -5.04
N CYS A 112 15.24 -14.05 -4.99
CA CYS A 112 16.40 -14.84 -4.78
CA CYS A 112 16.59 -14.48 -4.65
C CYS A 112 16.74 -14.74 -3.29
C CYS A 112 16.65 -14.74 -3.16
N PRO A 113 17.37 -15.78 -2.74
CA PRO A 113 17.61 -15.93 -1.29
C PRO A 113 18.74 -15.03 -0.75
N PHE A 114 18.72 -13.76 -1.11
CA PHE A 114 19.69 -12.78 -0.61
C PHE A 114 19.19 -11.44 -1.03
N PRO A 115 19.51 -10.40 -0.25
CA PRO A 115 19.13 -9.02 -0.56
C PRO A 115 19.83 -8.52 -1.82
N VAL A 116 19.08 -7.76 -2.60
CA VAL A 116 19.59 -7.15 -3.80
C VAL A 116 19.57 -5.65 -3.59
N ILE A 117 20.68 -4.98 -3.92
CA ILE A 117 20.82 -3.56 -3.71
C ILE A 117 21.12 -2.87 -5.06
N ALA A 118 20.30 -1.89 -5.43
CA ALA A 118 20.56 -1.12 -6.66
C ALA A 118 21.32 0.15 -6.34
N ALA A 119 22.48 0.32 -6.97
CA ALA A 119 23.33 1.49 -6.76
C ALA A 119 22.96 2.51 -7.83
N LEU A 120 22.20 3.52 -7.48
CA LEU A 120 21.57 4.39 -8.50
C LEU A 120 22.21 5.77 -8.63
N HIS A 121 22.24 6.26 -9.87
CA HIS A 121 22.74 7.60 -10.19
C HIS A 121 22.29 7.87 -11.62
N GLY A 122 22.14 9.14 -11.98
CA GLY A 122 21.63 9.54 -13.28
C GLY A 122 20.37 8.77 -13.65
N VAL A 123 20.18 8.48 -14.93
CA VAL A 123 18.92 7.92 -15.42
C VAL A 123 18.72 6.45 -15.05
N ALA A 124 17.53 6.15 -14.55
CA ALA A 124 17.03 4.78 -14.46
C ALA A 124 15.64 4.79 -15.08
N ALA A 125 15.57 4.37 -16.33
CA ALA A 125 14.38 4.55 -17.14
C ALA A 125 13.91 3.20 -17.65
N GLY A 126 12.60 3.08 -17.82
CA GLY A 126 12.06 1.88 -18.46
C GLY A 126 12.44 0.66 -17.66
N ALA A 127 12.97 -0.38 -18.30
CA ALA A 127 13.40 -1.58 -17.56
C ALA A 127 14.39 -1.24 -16.46
N GLY A 128 15.20 -0.20 -16.66
CA GLY A 128 16.15 0.23 -15.63
C GLY A 128 15.46 0.65 -14.33
N ALA A 129 14.37 1.39 -14.47
CA ALA A 129 13.58 1.79 -13.31
C ALA A 129 12.88 0.58 -12.66
N VAL A 130 12.47 -0.41 -13.45
CA VAL A 130 11.76 -1.54 -12.84
C VAL A 130 12.72 -2.47 -12.13
N LEU A 131 13.92 -2.64 -12.69
CA LEU A 131 14.95 -3.40 -12.00
C LEU A 131 15.29 -2.73 -10.66
N ALA A 132 15.41 -1.41 -10.68
CA ALA A 132 15.65 -0.68 -9.43
C ALA A 132 14.49 -0.92 -8.45
N LEU A 133 13.26 -0.82 -8.95
CA LEU A 133 12.09 -0.98 -8.09
C LEU A 133 12.01 -2.40 -7.49
N ALA A 134 12.52 -3.40 -8.19
CA ALA A 134 12.43 -4.78 -7.71
C ALA A 134 13.46 -5.08 -6.61
N ALA A 135 14.54 -4.34 -6.63
CA ALA A 135 15.60 -4.51 -5.62
C ALA A 135 15.05 -4.33 -4.22
N ASP A 136 15.68 -4.97 -3.25
CA ASP A 136 15.27 -4.78 -1.88
C ASP A 136 15.65 -3.39 -1.38
N PHE A 137 16.80 -2.88 -1.86
CA PHE A 137 17.30 -1.57 -1.44
C PHE A 137 17.66 -0.75 -2.68
N ARG A 138 17.30 0.54 -2.64
CA ARG A 138 17.75 1.53 -3.63
C ARG A 138 18.63 2.59 -2.94
N VAL A 139 19.92 2.52 -3.21
CA VAL A 139 20.91 3.47 -2.68
C VAL A 139 21.23 4.45 -3.79
N ALA A 140 20.83 5.71 -3.63
CA ALA A 140 20.74 6.64 -4.73
C ALA A 140 21.48 7.93 -4.41
N ASP A 141 22.20 8.45 -5.40
CA ASP A 141 22.79 9.79 -5.25
C ASP A 141 21.82 10.83 -5.80
N PRO A 142 22.09 12.12 -5.54
CA PRO A 142 21.13 13.19 -5.85
C PRO A 142 20.87 13.37 -7.33
N SER A 143 21.72 12.83 -8.20
CA SER A 143 21.51 12.94 -9.66
C SER A 143 20.47 11.89 -10.18
N THR A 144 20.00 11.03 -9.29
CA THR A 144 19.15 9.90 -9.72
C THR A 144 17.81 10.38 -10.28
N ARG A 145 17.48 9.91 -11.48
CA ARG A 145 16.23 10.24 -12.15
C ARG A 145 15.49 8.98 -12.65
N PHE A 146 14.38 8.63 -11.99
CA PHE A 146 13.51 7.53 -12.42
C PHE A 146 12.54 8.00 -13.49
N ALA A 147 12.30 7.14 -14.47
CA ALA A 147 11.24 7.42 -15.41
C ALA A 147 10.60 6.11 -15.86
N PHE A 148 9.30 5.95 -15.57
CA PHE A 148 8.59 4.72 -15.96
C PHE A 148 7.92 5.00 -17.26
N LEU A 149 8.70 5.05 -18.34
CA LEU A 149 8.27 5.68 -19.56
C LEU A 149 7.75 4.72 -20.67
N PHE A 150 7.24 3.54 -20.28
CA PHE A 150 6.67 2.62 -21.27
C PHE A 150 5.59 3.23 -22.17
N THR A 151 4.69 4.02 -21.61
CA THR A 151 3.63 4.55 -22.47
C THR A 151 4.21 5.48 -23.55
N ARG A 152 5.42 6.02 -23.31
CA ARG A 152 6.03 6.88 -24.34
C ARG A 152 6.49 6.12 -25.58
N VAL A 153 6.57 4.79 -25.49
CA VAL A 153 6.88 3.97 -26.68
C VAL A 153 5.63 3.24 -27.17
N GLY A 154 4.48 3.56 -26.60
CA GLY A 154 3.24 2.94 -27.04
C GLY A 154 2.92 1.61 -26.35
N LEU A 155 3.62 1.30 -25.26
CA LEU A 155 3.33 0.14 -24.44
C LEU A 155 2.62 0.52 -23.13
N SER A 156 2.10 -0.46 -22.40
CA SER A 156 1.49 -0.13 -21.11
C SER A 156 2.55 -0.02 -20.02
N GLY A 157 2.21 0.70 -18.93
CA GLY A 157 3.09 0.79 -17.76
C GLY A 157 3.12 -0.51 -16.95
N GLY A 158 2.27 -1.47 -17.29
CA GLY A 158 2.35 -2.76 -16.62
C GLY A 158 3.43 -3.59 -17.29
N ASP A 159 4.67 -3.13 -17.22
CA ASP A 159 5.73 -3.84 -17.94
C ASP A 159 6.57 -4.54 -16.90
N GLY A 161 6.16 -6.32 -14.36
CA GLY A 161 5.82 -6.25 -12.94
C GLY A 161 5.67 -4.85 -12.34
N ALA A 162 5.90 -3.80 -13.13
CA ALA A 162 5.89 -2.45 -12.60
C ALA A 162 4.54 -2.05 -12.01
N ALA A 163 3.45 -2.49 -12.62
CA ALA A 163 2.14 -2.09 -12.14
C ALA A 163 1.73 -2.90 -10.90
N TYR A 164 2.43 -4.01 -10.66
CA TYR A 164 2.26 -4.74 -9.40
C TYR A 164 3.13 -4.08 -8.31
N LEU A 165 4.41 -3.89 -8.61
CA LEU A 165 5.31 -3.38 -7.56
C LEU A 165 5.06 -1.91 -7.23
N LEU A 166 4.84 -1.06 -8.23
CA LEU A 166 4.91 0.37 -7.94
C LEU A 166 3.85 0.80 -6.92
N PRO A 167 2.58 0.40 -7.10
CA PRO A 167 1.62 0.84 -6.09
C PRO A 167 1.93 0.28 -4.71
N ARG A 168 2.62 -0.87 -4.64
CA ARG A 168 2.94 -1.44 -3.34
C ARG A 168 4.12 -0.72 -2.66
N VAL A 169 4.85 0.08 -3.44
CA VAL A 169 5.96 0.86 -2.88
C VAL A 169 5.51 2.29 -2.57
N VAL A 170 4.80 2.92 -3.50
CA VAL A 170 4.52 4.35 -3.37
C VAL A 170 3.04 4.70 -3.21
N GLY A 171 2.16 3.69 -3.21
CA GLY A 171 0.73 3.97 -3.19
C GLY A 171 0.15 4.07 -4.60
N LEU A 172 -1.15 3.77 -4.72
CA LEU A 172 -1.83 3.76 -6.02
C LEU A 172 -1.94 5.12 -6.73
N GLY A 173 -2.10 6.21 -5.99
CA GLY A 173 -2.26 7.50 -6.65
C GLY A 173 -0.96 7.91 -7.35
N HIS A 174 0.17 7.80 -6.63
CA HIS A 174 1.47 8.11 -7.25
C HIS A 174 1.81 7.09 -8.34
N ALA A 175 1.47 5.81 -8.13
CA ALA A 175 1.83 4.82 -9.16
C ALA A 175 1.15 5.16 -10.46
N THR A 176 -0.13 5.51 -10.39
CA THR A 176 -0.87 5.80 -11.60
C THR A 176 -0.24 6.98 -12.36
N ARG A 177 0.15 8.02 -11.62
CA ARG A 177 0.72 9.21 -12.25
C ARG A 177 2.05 8.82 -12.92
N LEU A 178 2.88 8.09 -12.18
CA LEU A 178 4.21 7.79 -12.68
C LEU A 178 4.14 6.91 -13.93
N LEU A 179 3.30 5.87 -13.86
CA LEU A 179 3.22 4.90 -14.94
C LEU A 179 2.43 5.41 -16.13
N LEU A 181 1.93 8.73 -17.19
CA LEU A 181 2.51 9.89 -17.89
C LEU A 181 3.98 9.69 -18.22
N GLY A 182 4.68 8.86 -17.44
CA GLY A 182 6.07 8.60 -17.69
C GLY A 182 7.00 9.80 -17.47
N ASP A 183 6.61 10.73 -16.60
CA ASP A 183 7.46 11.90 -16.30
C ASP A 183 8.60 11.53 -15.35
N THR A 184 9.68 12.28 -15.46
CA THR A 184 10.85 12.08 -14.61
C THR A 184 10.58 12.36 -13.14
N VAL A 185 11.06 11.46 -12.29
CA VAL A 185 10.95 11.61 -10.86
C VAL A 185 12.38 11.84 -10.35
N ARG A 186 12.66 13.08 -9.95
N ARG A 186 12.68 13.07 -9.97
CA ARG A 186 13.97 13.42 -9.39
CA ARG A 186 14.02 13.36 -9.44
C ARG A 186 14.15 12.90 -7.96
C ARG A 186 14.15 12.94 -7.97
N ALA A 187 15.39 12.94 -7.46
CA ALA A 187 15.68 12.40 -6.13
C ALA A 187 14.80 12.90 -4.95
N PRO A 188 14.51 14.22 -4.88
CA PRO A 188 13.73 14.65 -3.70
C PRO A 188 12.29 14.08 -3.71
N GLU A 189 11.65 14.08 -4.86
CA GLU A 189 10.32 13.51 -4.96
C GLU A 189 10.39 12.00 -4.68
N ALA A 190 11.37 11.34 -5.29
CA ALA A 190 11.58 9.89 -5.12
C ALA A 190 11.73 9.55 -3.65
N GLU A 191 12.53 10.34 -2.92
CA GLU A 191 12.70 10.15 -1.49
C GLU A 191 11.38 10.36 -0.74
N ARG A 192 10.69 11.46 -1.03
N ARG A 192 10.68 11.43 -1.08
CA ARG A 192 9.39 11.73 -0.40
CA ARG A 192 9.40 11.76 -0.46
C ARG A 192 8.38 10.59 -0.61
C ARG A 192 8.29 10.72 -0.67
N ILE A 193 8.27 10.07 -1.82
CA ILE A 193 7.21 9.08 -2.07
C ILE A 193 7.60 7.64 -1.72
N GLY A 194 8.82 7.42 -1.25
CA GLY A 194 9.19 6.08 -0.80
C GLY A 194 10.06 5.21 -1.70
N LEU A 195 10.63 5.79 -2.74
CA LEU A 195 11.46 5.04 -3.69
C LEU A 195 12.93 4.92 -3.31
N ILE A 196 13.38 5.68 -2.31
CA ILE A 196 14.80 5.66 -1.92
C ILE A 196 15.03 5.05 -0.55
N SER A 197 15.94 4.09 -0.46
CA SER A 197 16.27 3.47 0.84
C SER A 197 17.37 4.25 1.57
N GLU A 198 18.31 4.78 0.80
CA GLU A 198 19.38 5.63 1.34
C GLU A 198 19.78 6.67 0.32
N LEU A 199 19.71 7.94 0.69
CA LEU A 199 20.14 9.01 -0.19
C LEU A 199 21.60 9.29 0.14
N THR A 200 22.47 9.25 -0.85
CA THR A 200 23.88 9.50 -0.61
C THR A 200 24.30 10.87 -1.14
N GLU A 201 25.55 11.19 -0.87
CA GLU A 201 26.23 12.31 -1.49
C GLU A 201 26.54 12.02 -2.96
N GLU A 202 26.64 13.08 -3.76
CA GLU A 202 26.99 13.00 -5.18
C GLU A 202 28.22 12.12 -5.43
N GLY A 203 28.11 11.19 -6.38
CA GLY A 203 29.19 10.25 -6.68
C GLY A 203 29.47 9.12 -5.70
N ARG A 204 28.72 9.02 -4.61
CA ARG A 204 29.00 8.00 -3.58
C ARG A 204 28.03 6.78 -3.58
N ALA A 205 27.17 6.68 -4.60
CA ALA A 205 26.16 5.60 -4.57
C ALA A 205 26.83 4.22 -4.58
N ASP A 206 27.83 4.01 -5.45
CA ASP A 206 28.46 2.70 -5.53
C ASP A 206 29.16 2.30 -4.22
N GLU A 207 29.82 3.26 -3.60
CA GLU A 207 30.54 3.00 -2.36
C GLU A 207 29.56 2.69 -1.25
N ALA A 208 28.50 3.50 -1.14
CA ALA A 208 27.49 3.24 -0.11
C ALA A 208 26.74 1.92 -0.35
N ALA A 209 26.54 1.56 -1.62
CA ALA A 209 25.87 0.28 -1.93
C ALA A 209 26.74 -0.87 -1.48
N ARG A 210 28.04 -0.74 -1.74
CA ARG A 210 28.98 -1.76 -1.33
C ARG A 210 29.06 -1.90 0.20
N THR A 211 28.96 -0.78 0.91
CA THR A 211 29.01 -0.77 2.38
C THR A 211 27.75 -1.46 2.89
N LEU A 212 26.60 -1.12 2.31
CA LEU A 212 25.35 -1.75 2.73
C LEU A 212 25.40 -3.26 2.45
N ALA A 213 25.95 -3.65 1.31
CA ALA A 213 26.02 -5.09 0.96
C ALA A 213 26.83 -5.85 1.99
N ARG A 214 27.97 -5.27 2.36
CA ARG A 214 28.87 -5.87 3.32
C ARG A 214 28.22 -5.93 4.73
N ARG A 215 27.51 -4.88 5.11
CA ARG A 215 26.75 -4.88 6.34
C ARG A 215 25.78 -6.05 6.40
N LEU A 216 25.03 -6.25 5.30
CA LEU A 216 24.08 -7.37 5.21
C LEU A 216 24.81 -8.71 5.19
N ALA A 217 25.92 -8.78 4.45
CA ALA A 217 26.65 -10.04 4.33
C ALA A 217 27.38 -10.43 5.63
N ASP A 218 27.58 -9.45 6.51
CA ASP A 218 28.18 -9.69 7.82
C ASP A 218 27.14 -10.15 8.84
N GLY A 219 25.86 -10.05 8.46
CA GLY A 219 24.78 -10.37 9.38
C GLY A 219 24.31 -11.82 9.25
N PRO A 220 23.20 -12.15 9.94
CA PRO A 220 22.71 -13.53 9.91
C PRO A 220 21.93 -13.80 8.58
N ALA A 221 22.55 -14.54 7.68
CA ALA A 221 22.10 -14.69 6.30
C ALA A 221 20.73 -15.35 6.18
N LEU A 222 20.54 -16.45 6.90
CA LEU A 222 19.26 -17.15 6.87
C LEU A 222 18.11 -16.24 7.36
N ALA A 223 18.34 -15.56 8.47
CA ALA A 223 17.38 -14.56 8.95
C ALA A 223 17.06 -13.48 7.90
N HIS A 224 18.08 -12.94 7.22
CA HIS A 224 17.86 -11.92 6.18
C HIS A 224 17.03 -12.47 5.00
N ALA A 225 17.44 -13.64 4.52
CA ALA A 225 16.83 -14.24 3.35
C ALA A 225 15.35 -14.56 3.62
N GLN A 226 15.06 -15.13 4.79
CA GLN A 226 13.69 -15.38 5.20
C GLN A 226 12.89 -14.11 5.43
N THR A 227 13.55 -13.03 5.84
CA THR A 227 12.82 -11.75 5.95
C THR A 227 12.31 -11.33 4.57
N LYS A 228 13.17 -11.46 3.56
CA LYS A 228 12.81 -11.09 2.20
C LYS A 228 11.72 -12.03 1.67
N ALA A 229 11.91 -13.33 1.89
CA ALA A 229 10.94 -14.34 1.46
C ALA A 229 9.54 -14.07 2.07
N LEU A 230 9.47 -13.67 3.33
CA LEU A 230 8.15 -13.46 3.95
C LEU A 230 7.49 -12.14 3.49
N LEU A 231 8.28 -11.09 3.32
CA LEU A 231 7.76 -9.85 2.75
C LEU A 231 7.12 -10.12 1.38
N THR A 232 7.89 -10.81 0.56
CA THR A 232 7.45 -11.09 -0.81
C THR A 232 6.21 -11.96 -0.85
N ALA A 233 6.24 -13.07 -0.13
CA ALA A 233 5.08 -13.98 -0.13
C ALA A 233 3.84 -13.31 0.45
N GLU A 234 4.00 -12.56 1.54
CA GLU A 234 2.85 -12.09 2.31
C GLU A 234 2.19 -10.87 1.68
N LEU A 235 2.83 -10.26 0.68
CA LEU A 235 2.14 -9.29 -0.17
C LEU A 235 0.95 -9.95 -0.88
N ASP A 236 1.01 -11.29 -1.00
CA ASP A 236 0.04 -12.01 -1.84
C ASP A 236 -0.82 -12.94 -0.98
N PRO A 238 -3.47 -13.53 2.72
CA PRO A 238 -4.32 -12.93 3.75
C PRO A 238 -3.67 -12.97 5.16
N LEU A 239 -4.16 -12.11 6.04
CA LEU A 239 -3.63 -12.04 7.40
C LEU A 239 -3.49 -13.41 8.08
N ALA A 240 -4.56 -14.24 8.11
CA ALA A 240 -4.49 -15.52 8.84
C ALA A 240 -3.41 -16.46 8.30
N ALA A 241 -3.24 -16.47 6.98
CA ALA A 241 -2.19 -17.29 6.39
C ALA A 241 -0.80 -16.70 6.70
N ALA A 242 -0.67 -15.37 6.70
CA ALA A 242 0.65 -14.77 6.97
C ALA A 242 1.18 -15.17 8.36
N VAL A 243 0.30 -15.21 9.35
CA VAL A 243 0.81 -15.54 10.68
C VAL A 243 1.18 -17.04 10.82
N GLU A 244 0.56 -17.91 10.01
CA GLU A 244 0.99 -19.32 9.90
C GLU A 244 2.41 -19.46 9.28
N LEU A 245 2.68 -18.71 8.22
CA LEU A 245 4.02 -18.71 7.62
C LEU A 245 5.07 -18.14 8.61
N ASP A 246 4.71 -17.05 9.25
CA ASP A 246 5.56 -16.49 10.32
C ASP A 246 5.86 -17.51 11.39
N ALA A 247 4.82 -18.15 11.91
CA ALA A 247 4.93 -19.16 12.96
C ALA A 247 5.89 -20.27 12.56
N SER A 248 5.64 -20.88 11.39
CA SER A 248 6.54 -21.93 10.89
C SER A 248 7.98 -21.44 10.75
N THR A 249 8.15 -20.27 10.14
CA THR A 249 9.49 -19.77 9.83
C THR A 249 10.26 -19.40 11.11
N GLN A 250 9.61 -18.66 12.01
CA GLN A 250 10.25 -18.23 13.26
C GLN A 250 10.61 -19.46 14.09
N ALA A 251 9.68 -20.41 14.21
CA ALA A 251 10.00 -21.62 14.94
C ALA A 251 11.21 -22.34 14.31
N LEU A 252 11.26 -22.42 12.98
CA LEU A 252 12.41 -23.03 12.33
C LEU A 252 13.71 -22.29 12.68
N LEU A 253 13.65 -20.96 12.67
CA LEU A 253 14.87 -20.20 12.86
C LEU A 253 15.32 -20.29 14.33
N THR A 255 15.52 -22.91 15.88
CA THR A 255 16.39 -24.09 15.98
C THR A 255 17.77 -23.87 15.32
N GLY A 256 17.97 -22.66 14.79
CA GLY A 256 19.20 -22.31 14.10
C GLY A 256 20.34 -21.90 15.03
N GLU A 257 21.57 -22.07 14.57
CA GLU A 257 22.74 -21.61 15.32
C GLU A 257 22.73 -20.14 15.64
N ASP A 258 22.18 -19.33 14.73
CA ASP A 258 22.31 -17.87 14.87
C ASP A 258 21.48 -17.32 16.02
N TYR A 259 20.29 -17.87 16.20
CA TYR A 259 19.46 -17.47 17.32
C TYR A 259 20.14 -17.85 18.63
N ALA A 260 20.70 -19.05 18.70
CA ALA A 260 21.41 -19.50 19.92
C ALA A 260 22.63 -18.59 20.15
N GLU A 261 23.33 -18.27 19.08
CA GLU A 261 24.50 -17.43 19.20
C GLU A 261 24.12 -16.04 19.68
N PHE A 262 22.97 -15.53 19.27
CA PHE A 262 22.59 -14.22 19.77
C PHE A 262 22.54 -14.22 21.30
N HIS A 263 21.92 -15.24 21.85
CA HIS A 263 21.74 -15.33 23.30
C HIS A 263 23.06 -15.59 24.05
N ALA A 264 23.89 -16.47 23.50
CA ALA A 264 25.21 -16.74 24.07
C ALA A 264 26.04 -15.46 24.10
N ALA A 265 26.01 -14.69 23.00
CA ALA A 265 26.79 -13.46 22.90
C ALA A 265 26.24 -12.38 23.81
N PHE A 266 24.91 -12.32 23.88
CA PHE A 266 24.28 -11.37 24.76
C PHE A 266 24.73 -11.63 26.20
N THR A 267 24.61 -12.89 26.65
CA THR A 267 24.96 -13.23 28.03
C THR A 267 26.45 -13.08 28.36
N GLU A 268 27.30 -13.21 27.35
CA GLU A 268 28.74 -13.11 27.50
C GLU A 268 29.23 -11.70 27.16
N LYS A 269 28.30 -10.77 27.00
CA LYS A 269 28.62 -9.38 26.66
C LYS A 269 29.66 -9.21 25.54
N ARG A 270 29.43 -9.87 24.40
CA ARG A 270 30.37 -9.80 23.28
C ARG A 270 29.59 -9.75 21.96
N PRO A 271 30.27 -9.43 20.86
CA PRO A 271 29.63 -9.43 19.54
C PRO A 271 29.23 -10.84 19.10
N PRO A 272 28.06 -10.99 18.46
CA PRO A 272 27.72 -12.34 17.98
C PRO A 272 28.54 -12.65 16.76
N LYS A 273 28.89 -13.89 16.54
CA LYS A 273 29.51 -14.29 15.29
C LYS A 273 28.48 -15.12 14.50
N TRP A 274 27.87 -14.49 13.50
CA TRP A 274 26.81 -15.15 12.72
C TRP A 274 27.37 -16.19 11.76
N GLN A 275 26.60 -17.24 11.52
CA GLN A 275 26.97 -18.27 10.54
C GLN A 275 25.93 -18.45 9.40
N GLY A 276 24.75 -17.85 9.54
CA GLY A 276 23.69 -18.01 8.53
C GLY A 276 23.06 -19.39 8.50
N ARG A 277 22.89 -20.00 9.68
CA ARG A 277 22.27 -21.30 9.83
C ARG A 277 21.88 -21.53 11.30
N SER B 4 -23.20 -7.66 24.25
CA SER B 4 -23.57 -8.93 23.63
C SER B 4 -23.97 -9.99 24.66
N PRO B 5 -25.07 -10.70 24.41
CA PRO B 5 -25.64 -11.64 25.37
C PRO B 5 -25.23 -13.08 25.09
N PHE B 6 -24.32 -13.29 24.12
CA PHE B 6 -24.02 -14.65 23.66
C PHE B 6 -22.91 -15.32 24.47
N THR B 7 -23.26 -15.67 25.70
CA THR B 7 -22.35 -16.32 26.63
C THR B 7 -22.90 -17.70 27.00
N GLY B 8 -22.02 -18.59 27.44
CA GLY B 8 -22.44 -19.94 27.76
C GLY B 8 -21.85 -20.42 29.06
N SER B 9 -21.31 -21.63 29.06
CA SER B 9 -20.66 -22.19 30.24
C SER B 9 -19.43 -21.38 30.69
N ALA B 10 -18.73 -20.73 29.77
CA ALA B 10 -17.47 -20.06 30.07
C ALA B 10 -17.66 -18.72 30.80
N ALA B 11 -17.02 -18.56 31.95
CA ALA B 11 -17.17 -17.35 32.74
C ALA B 11 -16.00 -16.43 32.50
N PRO B 12 -16.20 -15.12 32.68
CA PRO B 12 -15.12 -14.16 32.46
C PRO B 12 -14.06 -14.37 33.52
N THR B 13 -12.82 -14.02 33.18
N THR B 13 -12.80 -14.15 33.18
CA THR B 13 -11.69 -14.12 34.07
CA THR B 13 -11.76 -14.35 34.18
C THR B 13 -11.73 -13.06 35.18
C THR B 13 -11.81 -13.18 35.16
N PRO B 14 -11.78 -13.49 36.45
CA PRO B 14 -11.91 -12.53 37.56
C PRO B 14 -10.75 -11.55 37.69
N GLU B 15 -9.52 -12.01 37.51
CA GLU B 15 -8.38 -11.11 37.67
C GLU B 15 -7.26 -11.38 36.68
N TRP B 16 -6.72 -10.31 36.10
CA TRP B 16 -5.63 -10.45 35.14
C TRP B 16 -4.33 -10.14 35.86
N ARG B 17 -3.50 -11.16 36.00
CA ARG B 17 -2.31 -11.06 36.84
C ARG B 17 -1.10 -10.52 36.08
N HIS B 18 -1.10 -10.68 34.76
CA HIS B 18 0.12 -10.44 33.98
C HIS B 18 0.12 -9.15 33.18
N LEU B 19 -0.98 -8.42 33.29
CA LEU B 19 -1.04 -7.04 32.84
C LEU B 19 -2.10 -6.36 33.69
N ARG B 20 -2.12 -5.04 33.63
CA ARG B 20 -3.12 -4.27 34.37
C ARG B 20 -4.28 -3.90 33.46
N VAL B 21 -5.49 -4.28 33.86
CA VAL B 21 -6.68 -4.05 33.05
C VAL B 21 -7.70 -3.21 33.81
N GLU B 22 -8.00 -2.04 33.29
N GLU B 22 -8.06 -2.06 33.26
CA GLU B 22 -9.04 -1.20 33.87
CA GLU B 22 -9.00 -1.14 33.91
C GLU B 22 -10.09 -1.00 32.80
C GLU B 22 -10.06 -0.67 32.91
N ILE B 23 -11.33 -0.89 33.24
CA ILE B 23 -12.42 -0.49 32.35
C ILE B 23 -13.28 0.62 32.98
N THR B 24 -13.50 1.71 32.26
CA THR B 24 -14.37 2.76 32.73
C THR B 24 -15.25 3.28 31.62
N ASP B 25 -16.56 3.17 31.81
N ASP B 25 -16.56 3.20 31.81
CA ASP B 25 -17.54 3.66 30.85
CA ASP B 25 -17.53 3.69 30.82
C ASP B 25 -17.20 3.27 29.40
C ASP B 25 -17.16 3.27 29.39
N GLY B 26 -16.97 1.98 29.19
CA GLY B 26 -16.75 1.45 27.84
C GLY B 26 -15.35 1.56 27.26
N VAL B 27 -14.43 2.16 28.01
CA VAL B 27 -13.03 2.22 27.59
C VAL B 27 -12.19 1.31 28.46
N ALA B 28 -11.52 0.34 27.83
CA ALA B 28 -10.55 -0.49 28.52
C ALA B 28 -9.13 0.07 28.38
N THR B 29 -8.40 0.16 29.50
CA THR B 29 -7.00 0.53 29.47
C THR B 29 -6.17 -0.69 29.90
N VAL B 30 -5.29 -1.14 29.00
CA VAL B 30 -4.41 -2.26 29.31
C VAL B 30 -3.00 -1.72 29.48
N THR B 31 -2.47 -1.79 30.70
CA THR B 31 -1.10 -1.36 30.95
C THR B 31 -0.17 -2.54 31.13
N LEU B 32 0.82 -2.65 30.24
CA LEU B 32 1.82 -3.70 30.32
C LEU B 32 2.49 -3.68 31.69
N ALA B 33 2.81 -4.87 32.21
CA ALA B 33 3.55 -4.97 33.47
C ALA B 33 5.06 -4.77 33.29
N ARG B 34 5.73 -4.52 34.41
CA ARG B 34 7.19 -4.58 34.53
C ARG B 34 7.94 -3.33 34.04
N PRO B 35 7.50 -2.13 34.48
CA PRO B 35 8.08 -0.89 33.97
C PRO B 35 9.59 -0.82 34.16
N ASP B 36 10.11 -1.57 35.12
CA ASP B 36 11.55 -1.55 35.40
C ASP B 36 12.32 -2.25 34.30
N LYS B 37 11.69 -3.22 33.66
CA LYS B 37 12.35 -3.96 32.59
C LYS B 37 11.92 -3.46 31.22
N LEU B 38 11.47 -2.21 31.16
CA LEU B 38 10.90 -1.66 29.94
C LEU B 38 9.75 -2.53 29.44
N ASN B 39 8.92 -2.98 30.38
CA ASN B 39 7.73 -3.74 30.07
C ASN B 39 7.93 -4.96 29.17
N ALA B 40 9.12 -5.55 29.22
CA ALA B 40 9.44 -6.76 28.45
C ALA B 40 8.41 -7.86 28.69
N LEU B 41 8.00 -8.51 27.59
CA LEU B 41 6.94 -9.51 27.60
C LEU B 41 7.42 -10.87 28.09
N THR B 42 6.56 -11.54 28.85
CA THR B 42 6.77 -12.92 29.23
C THR B 42 5.74 -13.77 28.50
N PHE B 43 5.93 -15.09 28.52
CA PHE B 43 4.92 -16.01 27.99
C PHE B 43 3.56 -15.71 28.59
N GLU B 44 3.53 -15.42 29.88
CA GLU B 44 2.25 -15.26 30.59
C GLU B 44 1.58 -13.97 30.17
N ALA B 45 2.38 -12.94 29.88
CA ALA B 45 1.86 -11.68 29.35
C ALA B 45 1.19 -11.89 27.98
N TYR B 46 1.85 -12.65 27.12
CA TYR B 46 1.24 -13.03 25.83
C TYR B 46 -0.07 -13.80 26.02
N ALA B 47 -0.06 -14.77 26.92
CA ALA B 47 -1.25 -15.58 27.17
C ALA B 47 -2.41 -14.69 27.64
N ASP B 48 -2.12 -13.77 28.55
CA ASP B 48 -3.15 -12.83 29.00
C ASP B 48 -3.67 -11.94 27.86
N LEU B 49 -2.77 -11.41 27.02
CA LEU B 49 -3.22 -10.61 25.89
C LEU B 49 -4.19 -11.42 25.02
N ARG B 50 -3.79 -12.64 24.66
CA ARG B 50 -4.62 -13.54 23.84
C ARG B 50 -5.96 -13.75 24.50
N ASP B 51 -5.92 -14.16 25.76
CA ASP B 51 -7.15 -14.57 26.44
C ASP B 51 -8.05 -13.38 26.78
N LEU B 52 -7.44 -12.25 27.15
CA LEU B 52 -8.22 -11.04 27.41
C LEU B 52 -8.92 -10.52 26.16
N LEU B 53 -8.18 -10.44 25.04
CA LEU B 53 -8.77 -9.93 23.80
C LEU B 53 -9.95 -10.82 23.38
N ALA B 54 -9.79 -12.13 23.57
CA ALA B 54 -10.85 -13.05 23.23
C ALA B 54 -12.09 -12.86 24.12
N GLU B 55 -11.90 -12.58 25.40
N GLU B 55 -11.88 -12.56 25.40
CA GLU B 55 -13.04 -12.34 26.27
CA GLU B 55 -12.99 -12.35 26.32
C GLU B 55 -13.73 -11.04 25.86
C GLU B 55 -13.71 -11.01 26.03
N LEU B 56 -12.93 -9.99 25.70
CA LEU B 56 -13.49 -8.68 25.40
C LEU B 56 -14.23 -8.71 24.07
N SER B 57 -13.70 -9.48 23.11
CA SER B 57 -14.35 -9.57 21.81
C SER B 57 -15.67 -10.33 21.87
N ARG B 58 -15.67 -11.47 22.56
CA ARG B 58 -16.86 -12.32 22.55
C ARG B 58 -18.00 -11.67 23.32
N ARG B 59 -17.66 -10.77 24.25
CA ARG B 59 -18.66 -10.01 24.98
C ARG B 59 -19.00 -8.64 24.37
N ARG B 60 -18.21 -8.19 23.39
CA ARG B 60 -18.28 -6.81 22.92
C ARG B 60 -18.43 -5.88 24.12
N ALA B 61 -17.51 -6.00 25.08
CA ALA B 61 -17.68 -5.35 26.38
C ALA B 61 -17.29 -3.88 26.34
N VAL B 62 -16.55 -3.51 25.31
CA VAL B 62 -15.81 -2.29 25.33
C VAL B 62 -15.94 -1.61 23.97
N ARG B 63 -15.94 -0.27 23.95
CA ARG B 63 -16.08 0.50 22.72
C ARG B 63 -14.74 1.06 22.26
N ALA B 64 -13.71 0.88 23.09
CA ALA B 64 -12.36 1.30 22.74
C ALA B 64 -11.36 0.74 23.74
N LEU B 65 -10.13 0.57 23.29
CA LEU B 65 -9.12 -0.03 24.12
C LEU B 65 -7.81 0.70 23.95
N VAL B 66 -7.22 1.12 25.07
CA VAL B 66 -5.90 1.75 25.08
C VAL B 66 -4.84 0.77 25.58
N LEU B 67 -3.76 0.67 24.82
CA LEU B 67 -2.61 -0.14 25.18
C LEU B 67 -1.47 0.80 25.58
N ALA B 68 -1.00 0.65 26.81
CA ALA B 68 -0.08 1.58 27.43
C ALA B 68 1.05 0.85 28.15
N GLY B 69 2.11 1.58 28.46
CA GLY B 69 3.19 1.05 29.25
C GLY B 69 3.78 2.15 30.12
N GLU B 70 4.06 1.86 31.38
CA GLU B 70 4.65 2.87 32.27
C GLU B 70 6.16 2.78 32.31
N GLY B 71 6.81 3.76 32.94
CA GLY B 71 8.26 3.75 33.00
C GLY B 71 8.85 4.56 31.87
N ARG B 72 10.05 4.18 31.42
CA ARG B 72 10.83 5.00 30.51
C ARG B 72 10.49 4.76 29.02
N GLY B 73 9.68 3.74 28.77
CA GLY B 73 9.31 3.39 27.40
C GLY B 73 8.11 2.47 27.33
N PHE B 74 7.55 2.40 26.13
CA PHE B 74 6.37 1.61 25.87
C PHE B 74 6.60 0.12 26.08
N CYS B 75 7.47 -0.49 25.29
CA CYS B 75 7.71 -1.93 25.40
C CYS B 75 8.91 -2.35 24.58
N SER B 76 9.87 -3.02 25.21
CA SER B 76 11.09 -3.41 24.52
C SER B 76 10.98 -4.78 23.83
N GLY B 77 9.81 -5.40 23.89
CA GLY B 77 9.63 -6.69 23.23
C GLY B 77 9.70 -7.84 24.21
N GLY B 78 9.95 -9.05 23.69
CA GLY B 78 10.04 -10.24 24.53
C GLY B 78 11.24 -10.16 25.47
N ASP B 79 11.12 -10.78 26.64
CA ASP B 79 12.21 -10.75 27.63
C ASP B 79 13.37 -11.61 27.17
N VAL B 80 14.58 -11.06 27.13
CA VAL B 80 15.71 -11.83 26.62
C VAL B 80 15.99 -13.09 27.44
N ASP B 81 15.79 -13.02 28.75
CA ASP B 81 16.03 -14.19 29.59
C ASP B 81 14.84 -15.10 29.63
N GLU B 82 13.68 -14.54 29.93
CA GLU B 82 12.50 -15.36 30.20
C GLU B 82 11.80 -15.90 28.94
N ILE B 83 12.04 -15.26 27.79
CA ILE B 83 11.55 -15.84 26.55
C ILE B 83 12.68 -16.48 25.77
N ILE B 84 13.62 -15.66 25.31
CA ILE B 84 14.66 -16.18 24.44
C ILE B 84 15.43 -17.33 25.10
N GLY B 85 15.93 -17.07 26.30
CA GLY B 85 16.59 -18.11 27.09
C GLY B 85 15.77 -19.39 27.16
N ALA B 86 14.51 -19.27 27.57
CA ALA B 86 13.64 -20.44 27.66
C ALA B 86 13.45 -21.15 26.32
N THR B 87 13.31 -20.39 25.23
CA THR B 87 12.95 -21.02 23.94
C THR B 87 14.06 -21.95 23.47
N LEU B 88 15.28 -21.67 23.93
CA LEU B 88 16.46 -22.39 23.48
C LEU B 88 16.49 -23.85 23.94
N SER B 89 15.66 -24.20 24.91
CA SER B 89 15.54 -25.60 25.28
C SER B 89 14.15 -26.19 25.00
N ASP B 91 11.01 -27.91 22.77
CA ASP B 91 10.88 -28.89 21.69
C ASP B 91 10.14 -28.26 20.50
N THR B 92 10.21 -28.94 19.36
CA THR B 92 9.60 -28.47 18.10
C THR B 92 8.16 -27.97 18.26
N ALA B 93 7.33 -28.80 18.87
CA ALA B 93 5.92 -28.46 19.03
C ALA B 93 5.73 -27.16 19.82
N ARG B 94 6.49 -26.99 20.90
CA ARG B 94 6.36 -25.78 21.70
C ARG B 94 6.92 -24.54 21.00
N LEU B 95 7.98 -24.71 20.23
CA LEU B 95 8.47 -23.60 19.42
C LEU B 95 7.38 -23.11 18.46
N LEU B 96 6.68 -24.04 17.81
CA LEU B 96 5.59 -23.67 16.90
C LEU B 96 4.45 -23.02 17.69
N ASP B 97 4.08 -23.65 18.81
CA ASP B 97 3.04 -23.13 19.69
C ASP B 97 3.30 -21.68 20.09
N PHE B 98 4.55 -21.39 20.47
CA PHE B 98 4.89 -20.03 20.92
C PHE B 98 4.69 -19.02 19.79
N ASN B 99 5.25 -19.35 18.63
CA ASN B 99 5.23 -18.42 17.51
C ASN B 99 3.83 -18.30 16.91
N ARG B 100 3.03 -19.36 17.02
CA ARG B 100 1.63 -19.21 16.71
C ARG B 100 0.91 -18.27 17.69
N THR B 102 2.01 -15.71 19.41
CA THR B 102 2.33 -14.31 19.23
C THR B 102 1.58 -13.75 18.01
N GLY B 103 1.56 -14.50 16.93
CA GLY B 103 0.85 -14.07 15.73
C GLY B 103 -0.65 -13.95 15.96
N GLN B 104 -1.21 -14.88 16.76
CA GLN B 104 -2.61 -14.83 17.13
C GLN B 104 -2.95 -13.58 17.97
N VAL B 105 -2.02 -13.11 18.81
CA VAL B 105 -2.28 -11.88 19.56
C VAL B 105 -2.43 -10.70 18.58
N VAL B 106 -1.51 -10.63 17.63
CA VAL B 106 -1.57 -9.59 16.60
C VAL B 106 -2.85 -9.73 15.76
N ARG B 107 -3.19 -10.94 15.36
CA ARG B 107 -4.45 -11.10 14.65
C ARG B 107 -5.68 -10.67 15.47
N ALA B 108 -5.67 -10.98 16.76
CA ALA B 108 -6.77 -10.62 17.66
C ALA B 108 -6.90 -9.11 17.80
N VAL B 109 -5.77 -8.41 17.76
CA VAL B 109 -5.81 -6.95 17.78
C VAL B 109 -6.47 -6.43 16.50
N ARG B 110 -6.12 -7.01 15.35
CA ARG B 110 -6.73 -6.62 14.09
C ARG B 110 -8.22 -6.97 13.98
N GLU B 111 -8.65 -7.97 14.75
CA GLU B 111 -10.03 -8.48 14.64
C GLU B 111 -11.00 -8.08 15.76
N CYS B 112 -10.52 -7.44 16.83
N CYS B 112 -10.49 -7.35 16.76
CA CYS B 112 -11.44 -7.13 17.91
CA CYS B 112 -11.32 -6.81 17.84
C CYS B 112 -12.40 -6.03 17.45
C CYS B 112 -12.46 -5.97 17.29
N PRO B 113 -13.68 -6.14 17.84
CA PRO B 113 -14.79 -5.30 17.35
C PRO B 113 -14.84 -3.99 18.11
N PHE B 114 -13.69 -3.35 18.28
CA PHE B 114 -13.59 -2.00 18.83
C PHE B 114 -12.20 -1.49 18.47
N PRO B 115 -12.04 -0.15 18.37
CA PRO B 115 -10.71 0.38 18.04
C PRO B 115 -9.68 0.19 19.17
N VAL B 116 -8.45 -0.11 18.75
CA VAL B 116 -7.32 -0.23 19.65
C VAL B 116 -6.33 0.91 19.45
N ILE B 117 -5.94 1.54 20.55
CA ILE B 117 -5.02 2.68 20.50
C ILE B 117 -3.76 2.42 21.30
N ALA B 118 -2.60 2.54 20.65
CA ALA B 118 -1.31 2.44 21.33
C ALA B 118 -0.82 3.83 21.80
N ALA B 119 -0.51 3.97 23.09
CA ALA B 119 0.05 5.20 23.66
C ALA B 119 1.55 5.06 23.71
N LEU B 120 2.25 5.67 22.74
CA LEU B 120 3.68 5.43 22.57
C LEU B 120 4.57 6.55 23.12
N HIS B 121 5.73 6.13 23.62
CA HIS B 121 6.76 7.02 24.10
C HIS B 121 7.96 6.10 24.32
N GLY B 122 9.16 6.64 24.19
CA GLY B 122 10.36 5.85 24.43
C GLY B 122 10.44 4.69 23.48
N VAL B 123 11.00 3.58 23.94
CA VAL B 123 11.29 2.46 23.08
C VAL B 123 10.06 1.56 22.84
N ALA B 124 9.84 1.25 21.56
CA ALA B 124 8.87 0.26 21.11
C ALA B 124 9.61 -0.64 20.15
N ALA B 125 10.00 -1.82 20.62
CA ALA B 125 10.97 -2.66 19.91
C ALA B 125 10.51 -4.10 19.84
N GLY B 126 10.86 -4.78 18.74
CA GLY B 126 10.50 -6.17 18.61
C GLY B 126 8.99 -6.28 18.71
N ALA B 127 8.50 -7.19 19.52
CA ALA B 127 7.06 -7.39 19.65
C ALA B 127 6.36 -6.10 20.08
N GLY B 128 7.07 -5.26 20.82
CA GLY B 128 6.53 -3.97 21.18
C GLY B 128 6.23 -3.12 19.96
N ALA B 129 7.16 -3.11 18.99
CA ALA B 129 6.93 -2.41 17.74
C ALA B 129 5.74 -3.01 16.94
N VAL B 130 5.62 -4.34 16.91
CA VAL B 130 4.54 -4.97 16.13
C VAL B 130 3.14 -4.82 16.77
N LEU B 131 3.07 -4.92 18.09
CA LEU B 131 1.83 -4.64 18.80
C LEU B 131 1.35 -3.23 18.51
N ALA B 132 2.24 -2.24 18.58
CA ALA B 132 1.89 -0.88 18.19
C ALA B 132 1.45 -0.81 16.71
N LEU B 133 2.18 -1.50 15.85
CA LEU B 133 1.87 -1.54 14.44
C LEU B 133 0.46 -2.09 14.16
N ALA B 134 0.05 -3.09 14.93
CA ALA B 134 -1.27 -3.71 14.79
C ALA B 134 -2.43 -2.85 15.29
N ALA B 135 -2.15 -1.92 16.18
CA ALA B 135 -3.18 -1.05 16.71
C ALA B 135 -3.81 -0.27 15.58
N ASP B 136 -5.05 0.17 15.77
CA ASP B 136 -5.71 1.06 14.82
C ASP B 136 -5.13 2.48 14.84
N PHE B 137 -4.78 2.96 16.03
CA PHE B 137 -4.17 4.29 16.18
C PHE B 137 -2.86 4.19 16.96
N ARG B 138 -1.86 4.94 16.51
CA ARG B 138 -0.62 5.12 17.27
C ARG B 138 -0.51 6.58 17.70
N VAL B 139 -0.69 6.81 19.00
CA VAL B 139 -0.62 8.15 19.56
C VAL B 139 0.72 8.26 20.27
N ALA B 140 1.60 9.10 19.74
CA ALA B 140 3.00 9.05 20.09
C ALA B 140 3.56 10.41 20.50
N ASP B 141 4.35 10.41 21.56
CA ASP B 141 5.06 11.65 21.87
C ASP B 141 6.42 11.65 21.16
N PRO B 142 7.11 12.80 21.17
CA PRO B 142 8.31 12.96 20.34
C PRO B 142 9.49 12.05 20.74
N SER B 143 9.42 11.41 21.89
CA SER B 143 10.50 10.51 22.28
C SER B 143 10.35 9.11 21.67
N THR B 144 9.21 8.85 21.03
CA THR B 144 8.93 7.50 20.50
C THR B 144 10.01 7.00 19.54
N ARG B 145 10.49 5.78 19.76
CA ARG B 145 11.49 5.15 18.91
C ARG B 145 11.08 3.71 18.55
N PHE B 146 10.79 3.45 17.28
CA PHE B 146 10.44 2.10 16.83
C PHE B 146 11.72 1.37 16.43
N ALA B 147 11.79 0.09 16.75
CA ALA B 147 12.85 -0.75 16.20
C ALA B 147 12.28 -2.16 15.92
N PHE B 148 12.19 -2.54 14.65
CA PHE B 148 11.77 -3.90 14.27
C PHE B 148 13.03 -4.75 14.21
N LEU B 149 13.53 -5.19 15.36
CA LEU B 149 14.90 -5.70 15.42
C LEU B 149 15.05 -7.23 15.49
N PHE B 150 14.07 -7.94 14.96
CA PHE B 150 14.15 -9.39 14.89
C PHE B 150 15.44 -9.97 14.31
N THR B 151 15.94 -9.39 13.21
CA THR B 151 17.14 -9.93 12.59
C THR B 151 18.35 -9.74 13.53
N ARG B 152 18.24 -8.81 14.48
CA ARG B 152 19.31 -8.59 15.45
C ARG B 152 19.45 -9.80 16.37
N VAL B 153 18.40 -10.62 16.49
CA VAL B 153 18.49 -11.81 17.32
C VAL B 153 18.54 -13.08 16.50
N GLY B 154 18.76 -12.93 15.19
CA GLY B 154 18.91 -14.06 14.29
C GLY B 154 17.59 -14.68 13.85
N LEU B 155 16.48 -13.95 14.02
CA LEU B 155 15.17 -14.39 13.53
C LEU B 155 14.75 -13.54 12.32
N SER B 156 13.69 -13.89 11.60
CA SER B 156 13.37 -13.04 10.44
C SER B 156 12.46 -11.91 10.88
N GLY B 157 12.42 -10.83 10.08
CA GLY B 157 11.48 -9.73 10.28
C GLY B 157 9.99 -10.06 10.03
N GLY B 158 9.71 -11.27 9.58
CA GLY B 158 8.33 -11.72 9.49
C GLY B 158 7.92 -12.34 10.81
N ASP B 159 8.04 -11.59 11.90
CA ASP B 159 7.65 -12.09 13.20
C ASP B 159 6.24 -11.59 13.47
N GLY B 161 3.39 -11.27 12.18
CA GLY B 161 2.59 -10.47 11.27
C GLY B 161 3.28 -9.19 10.78
N ALA B 162 4.48 -8.91 11.28
CA ALA B 162 5.16 -7.67 10.89
C ALA B 162 5.36 -7.53 9.38
N ALA B 163 5.71 -8.63 8.71
CA ALA B 163 5.95 -8.58 7.25
C ALA B 163 4.66 -8.38 6.43
N TYR B 164 3.53 -8.79 7.00
CA TYR B 164 2.25 -8.53 6.38
C TYR B 164 1.88 -7.06 6.65
N LEU B 165 1.91 -6.66 7.92
CA LEU B 165 1.39 -5.34 8.30
C LEU B 165 2.22 -4.14 7.79
N LEU B 166 3.54 -4.23 7.96
CA LEU B 166 4.38 -3.05 7.73
C LEU B 166 4.32 -2.49 6.32
N PRO B 167 4.49 -3.35 5.30
CA PRO B 167 4.36 -2.81 3.95
C PRO B 167 3.02 -2.16 3.67
N ARG B 168 1.96 -2.66 4.30
CA ARG B 168 0.63 -2.12 4.06
C ARG B 168 0.44 -0.80 4.79
N VAL B 169 1.34 -0.51 5.73
CA VAL B 169 1.29 0.75 6.46
C VAL B 169 2.25 1.78 5.84
N VAL B 170 3.49 1.36 5.55
CA VAL B 170 4.52 2.32 5.10
C VAL B 170 5.07 2.10 3.70
N GLY B 171 4.61 1.05 3.02
CA GLY B 171 5.09 0.79 1.66
C GLY B 171 6.18 -0.27 1.70
N LEU B 172 6.31 -1.03 0.63
CA LEU B 172 7.30 -2.13 0.61
C LEU B 172 8.79 -1.69 0.75
N GLY B 173 9.16 -0.53 0.20
CA GLY B 173 10.57 -0.06 0.21
C GLY B 173 10.98 0.26 1.66
N HIS B 174 10.18 1.09 2.32
CA HIS B 174 10.42 1.35 3.78
C HIS B 174 10.34 0.09 4.66
N ALA B 175 9.36 -0.77 4.41
CA ALA B 175 9.21 -1.98 5.21
C ALA B 175 10.44 -2.89 5.09
N THR B 176 10.96 -3.03 3.88
CA THR B 176 12.12 -3.89 3.68
C THR B 176 13.31 -3.36 4.49
N ARG B 177 13.57 -2.07 4.36
CA ARG B 177 14.62 -1.38 5.13
C ARG B 177 14.45 -1.58 6.67
N LEU B 178 13.28 -1.22 7.18
CA LEU B 178 12.98 -1.34 8.61
C LEU B 178 13.15 -2.78 9.14
N LEU B 179 12.61 -3.76 8.41
CA LEU B 179 12.55 -5.12 8.94
C LEU B 179 13.86 -5.81 8.71
N LEU B 181 17.18 -4.37 8.39
CA LEU B 181 18.30 -3.81 9.16
C LEU B 181 17.96 -3.63 10.63
N GLY B 182 16.67 -3.51 10.94
CA GLY B 182 16.20 -3.23 12.28
C GLY B 182 16.70 -1.95 12.93
N ASP B 183 17.02 -0.92 12.14
CA ASP B 183 17.50 0.35 12.72
C ASP B 183 16.35 1.12 13.37
N THR B 184 16.69 1.97 14.33
CA THR B 184 15.68 2.77 15.02
C THR B 184 15.00 3.78 14.11
N VAL B 185 13.70 3.94 14.28
CA VAL B 185 12.95 4.94 13.55
C VAL B 185 12.42 5.90 14.61
N ARG B 186 12.97 7.13 14.62
CA ARG B 186 12.51 8.14 15.57
C ARG B 186 11.27 8.83 15.03
N ALA B 187 10.67 9.63 15.89
CA ALA B 187 9.38 10.25 15.63
C ALA B 187 9.22 11.05 14.31
N PRO B 188 10.19 11.89 13.93
CA PRO B 188 10.06 12.63 12.66
C PRO B 188 9.93 11.73 11.43
N GLU B 189 10.79 10.72 11.32
CA GLU B 189 10.73 9.77 10.24
C GLU B 189 9.43 8.94 10.30
N ALA B 190 9.08 8.47 11.48
CA ALA B 190 7.86 7.66 11.67
C ALA B 190 6.64 8.43 11.17
N GLU B 191 6.63 9.73 11.47
CA GLU B 191 5.54 10.59 11.03
C GLU B 191 5.52 10.67 9.50
N ARG B 192 6.71 10.80 8.90
N ARG B 192 6.71 10.82 8.93
CA ARG B 192 6.83 10.97 7.45
CA ARG B 192 6.89 10.94 7.49
C ARG B 192 6.40 9.74 6.67
C ARG B 192 6.29 9.76 6.76
N ILE B 193 6.65 8.56 7.23
CA ILE B 193 6.36 7.35 6.53
C ILE B 193 5.01 6.71 6.85
N GLY B 194 4.25 7.31 7.78
CA GLY B 194 2.89 6.89 8.01
C GLY B 194 2.66 6.01 9.23
N LEU B 195 3.65 5.94 10.13
CA LEU B 195 3.53 5.13 11.35
C LEU B 195 2.83 5.85 12.52
N ILE B 196 2.61 7.16 12.39
CA ILE B 196 2.04 7.88 13.51
C ILE B 196 0.66 8.48 13.24
N SER B 197 -0.29 8.20 14.13
CA SER B 197 -1.67 8.68 13.97
C SER B 197 -1.85 10.09 14.52
N GLU B 198 -1.21 10.34 15.66
CA GLU B 198 -1.24 11.65 16.29
C GLU B 198 0.06 11.89 17.07
N LEU B 199 0.77 12.96 16.73
CA LEU B 199 2.01 13.30 17.42
C LEU B 199 1.68 14.26 18.55
N THR B 200 2.05 13.90 19.78
CA THR B 200 1.74 14.72 20.94
C THR B 200 2.97 15.51 21.42
N GLU B 201 2.79 16.30 22.48
CA GLU B 201 3.93 16.90 23.15
C GLU B 201 4.55 15.86 24.07
N GLU B 202 5.79 16.08 24.48
CA GLU B 202 6.44 15.20 25.45
C GLU B 202 5.54 14.93 26.65
N GLY B 203 5.55 13.68 27.09
CA GLY B 203 4.80 13.29 28.27
C GLY B 203 3.29 13.31 28.14
N ARG B 204 2.75 13.59 26.95
CA ARG B 204 1.30 13.71 26.83
C ARG B 204 0.58 12.57 26.06
N ALA B 205 1.32 11.53 25.72
CA ALA B 205 0.78 10.45 24.90
C ALA B 205 -0.38 9.74 25.61
N ASP B 206 -0.20 9.37 26.86
CA ASP B 206 -1.24 8.64 27.59
C ASP B 206 -2.52 9.46 27.70
N GLU B 207 -2.37 10.75 27.85
CA GLU B 207 -3.52 11.64 28.02
C GLU B 207 -4.26 11.80 26.70
N ALA B 208 -3.47 12.07 25.65
CA ALA B 208 -4.01 12.15 24.31
C ALA B 208 -4.70 10.82 23.87
N ALA B 209 -4.10 9.68 24.21
CA ALA B 209 -4.73 8.38 23.95
C ALA B 209 -6.08 8.23 24.66
N ARG B 210 -6.12 8.59 25.95
N ARG B 210 -6.09 8.59 25.95
CA ARG B 210 -7.37 8.49 26.70
CA ARG B 210 -7.31 8.56 26.75
C ARG B 210 -8.41 9.43 26.10
C ARG B 210 -8.38 9.42 26.09
N THR B 211 -8.00 10.61 25.69
CA THR B 211 -8.93 11.52 25.04
C THR B 211 -9.49 10.95 23.72
N LEU B 212 -8.62 10.40 22.88
CA LEU B 212 -9.04 9.75 21.63
C LEU B 212 -9.98 8.55 21.89
N ALA B 213 -9.61 7.69 22.84
CA ALA B 213 -10.44 6.55 23.21
C ALA B 213 -11.86 6.99 23.58
N ARG B 214 -11.96 8.09 24.31
CA ARG B 214 -13.24 8.61 24.79
C ARG B 214 -14.06 9.20 23.65
N ARG B 215 -13.37 9.91 22.77
CA ARG B 215 -13.95 10.40 21.53
C ARG B 215 -14.60 9.25 20.74
N LEU B 216 -13.88 8.13 20.63
CA LEU B 216 -14.39 6.95 19.94
C LEU B 216 -15.54 6.31 20.73
N ALA B 217 -15.41 6.25 22.05
CA ALA B 217 -16.43 5.60 22.87
C ALA B 217 -17.71 6.42 22.91
N ASP B 218 -17.58 7.71 22.61
CA ASP B 218 -18.72 8.60 22.53
C ASP B 218 -19.46 8.53 21.19
N GLY B 219 -18.87 7.87 20.19
CA GLY B 219 -19.43 7.82 18.84
C GLY B 219 -20.30 6.60 18.62
N PRO B 220 -20.80 6.41 17.37
CA PRO B 220 -21.65 5.25 17.06
C PRO B 220 -20.80 3.99 17.00
N ALA B 221 -20.91 3.10 17.98
CA ALA B 221 -19.94 2.01 18.12
C ALA B 221 -20.03 0.96 17.00
N LEU B 222 -21.23 0.67 16.53
CA LEU B 222 -21.41 -0.32 15.47
C LEU B 222 -20.76 0.17 14.18
N ALA B 223 -21.00 1.43 13.83
CA ALA B 223 -20.36 2.06 12.69
C ALA B 223 -18.84 2.00 12.81
N HIS B 224 -18.30 2.33 14.00
CA HIS B 224 -16.85 2.29 14.20
C HIS B 224 -16.29 0.88 14.03
N ALA B 225 -16.92 -0.11 14.67
CA ALA B 225 -16.50 -1.51 14.60
C ALA B 225 -16.51 -2.06 13.16
N GLN B 226 -17.58 -1.79 12.43
CA GLN B 226 -17.68 -2.27 11.05
C GLN B 226 -16.65 -1.55 10.17
N THR B 227 -16.32 -0.30 10.50
CA THR B 227 -15.27 0.40 9.77
C THR B 227 -13.99 -0.39 9.86
N LYS B 228 -13.65 -0.77 11.07
CA LYS B 228 -12.46 -1.58 11.31
C LYS B 228 -12.55 -2.97 10.67
N ALA B 229 -13.69 -3.63 10.84
CA ALA B 229 -13.88 -4.95 10.25
C ALA B 229 -13.66 -4.92 8.71
N LEU B 230 -14.21 -3.92 8.04
CA LEU B 230 -14.10 -3.84 6.59
C LEU B 230 -12.70 -3.49 6.10
N LEU B 231 -12.06 -2.54 6.79
CA LEU B 231 -10.69 -2.21 6.48
C LEU B 231 -9.83 -3.46 6.52
N THR B 232 -9.98 -4.23 7.60
CA THR B 232 -9.16 -5.41 7.85
C THR B 232 -9.46 -6.49 6.82
N ALA B 233 -10.74 -6.75 6.58
CA ALA B 233 -11.10 -7.77 5.60
C ALA B 233 -10.67 -7.38 4.19
N GLU B 234 -10.89 -6.12 3.83
CA GLU B 234 -10.70 -5.73 2.42
C GLU B 234 -9.24 -5.66 1.99
N LEU B 235 -8.33 -5.68 2.97
CA LEU B 235 -6.91 -5.77 2.65
C LEU B 235 -6.64 -7.09 1.94
N ASP B 236 -7.54 -8.05 2.13
CA ASP B 236 -7.30 -9.40 1.64
C ASP B 236 -8.33 -9.81 0.57
N PRO B 238 -10.56 -8.81 -3.35
CA PRO B 238 -10.48 -8.02 -4.59
C PRO B 238 -11.59 -6.97 -4.62
N LEU B 239 -11.45 -6.03 -5.52
CA LEU B 239 -12.37 -4.90 -5.55
C LEU B 239 -13.86 -5.32 -5.65
N ALA B 240 -14.18 -6.24 -6.58
CA ALA B 240 -15.59 -6.61 -6.79
C ALA B 240 -16.16 -7.21 -5.49
N ALA B 241 -15.34 -7.97 -4.77
CA ALA B 241 -15.85 -8.54 -3.50
C ALA B 241 -15.95 -7.45 -2.41
N ALA B 242 -15.01 -6.53 -2.40
CA ALA B 242 -15.08 -5.45 -1.42
C ALA B 242 -16.36 -4.64 -1.54
N VAL B 243 -16.83 -4.38 -2.77
CA VAL B 243 -18.03 -3.53 -2.84
C VAL B 243 -19.29 -4.33 -2.46
N GLU B 244 -19.20 -5.65 -2.55
CA GLU B 244 -20.31 -6.50 -2.05
C GLU B 244 -20.41 -6.44 -0.51
N LEU B 245 -19.25 -6.50 0.15
CA LEU B 245 -19.18 -6.47 1.60
C LEU B 245 -19.66 -5.10 2.10
N ASP B 246 -19.25 -4.03 1.39
CA ASP B 246 -19.67 -2.68 1.74
C ASP B 246 -21.18 -2.58 1.58
N ALA B 247 -21.70 -3.13 0.48
CA ALA B 247 -23.14 -3.09 0.20
C ALA B 247 -23.95 -3.76 1.32
N SER B 248 -23.63 -5.01 1.66
CA SER B 248 -24.34 -5.70 2.72
C SER B 248 -24.28 -4.91 4.04
N THR B 249 -23.08 -4.43 4.34
CA THR B 249 -22.80 -3.77 5.61
C THR B 249 -23.52 -2.42 5.72
N GLN B 250 -23.40 -1.57 4.70
CA GLN B 250 -24.09 -0.29 4.75
C GLN B 250 -25.61 -0.49 4.79
N ALA B 251 -26.12 -1.41 3.98
CA ALA B 251 -27.56 -1.72 4.04
C ALA B 251 -27.95 -2.10 5.48
N LEU B 252 -27.22 -3.03 6.08
CA LEU B 252 -27.46 -3.42 7.47
C LEU B 252 -27.44 -2.21 8.44
N LEU B 253 -26.42 -1.37 8.37
CA LEU B 253 -26.33 -0.24 9.29
C LEU B 253 -27.43 0.77 9.03
N THR B 255 -30.39 -0.02 8.76
CA THR B 255 -31.56 -0.46 9.55
C THR B 255 -31.34 -0.17 11.05
N GLY B 256 -30.19 0.44 11.38
CA GLY B 256 -29.84 0.62 12.77
C GLY B 256 -30.42 1.90 13.36
N GLU B 257 -30.49 1.94 14.68
CA GLU B 257 -30.95 3.15 15.39
C GLU B 257 -30.09 4.39 15.13
N ASP B 258 -28.76 4.21 15.13
CA ASP B 258 -27.86 5.35 14.97
C ASP B 258 -28.11 6.10 13.69
N TYR B 259 -28.27 5.38 12.60
CA TYR B 259 -28.53 6.02 11.33
C TYR B 259 -29.82 6.83 11.39
N ALA B 260 -30.86 6.19 11.93
CA ALA B 260 -32.15 6.84 12.06
C ALA B 260 -32.03 8.03 13.00
N GLU B 261 -31.34 7.84 14.12
CA GLU B 261 -31.13 8.90 15.07
C GLU B 261 -30.43 10.07 14.41
N PHE B 262 -29.55 9.78 13.45
CA PHE B 262 -28.81 10.86 12.82
C PHE B 262 -29.74 11.78 12.05
N HIS B 263 -30.68 11.20 11.31
CA HIS B 263 -31.59 12.01 10.52
C HIS B 263 -32.49 12.83 11.45
N ALA B 264 -33.05 12.16 12.46
CA ALA B 264 -33.83 12.86 13.49
C ALA B 264 -33.04 14.05 14.02
N ALA B 265 -31.91 13.76 14.64
CA ALA B 265 -31.01 14.80 15.17
C ALA B 265 -30.71 15.90 14.15
N PHE B 266 -29.87 15.59 13.16
CA PHE B 266 -29.40 16.59 12.20
C PHE B 266 -30.52 17.45 11.63
N THR B 267 -31.72 16.88 11.54
CA THR B 267 -32.89 17.61 11.12
C THR B 267 -33.23 18.76 12.07
N GLU B 268 -33.45 18.44 13.33
CA GLU B 268 -33.91 19.42 14.30
C GLU B 268 -32.75 20.24 14.85
N LYS B 269 -31.59 20.07 14.25
CA LYS B 269 -30.38 20.80 14.63
C LYS B 269 -29.96 20.52 16.08
N ARG B 270 -30.39 19.37 16.59
CA ARG B 270 -29.88 18.90 17.87
C ARG B 270 -28.82 17.83 17.62
N PRO B 271 -27.81 17.75 18.50
CA PRO B 271 -26.72 16.80 18.32
C PRO B 271 -27.27 15.39 18.37
N PRO B 272 -26.71 14.46 17.58
CA PRO B 272 -27.19 13.07 17.62
C PRO B 272 -26.72 12.39 18.91
N LYS B 273 -27.57 11.56 19.48
CA LYS B 273 -27.18 10.82 20.66
C LYS B 273 -27.08 9.34 20.30
N TRP B 274 -25.85 8.87 20.19
CA TRP B 274 -25.59 7.53 19.66
C TRP B 274 -25.94 6.42 20.63
N GLN B 275 -26.28 5.24 20.11
CA GLN B 275 -26.66 4.12 20.95
C GLN B 275 -25.85 2.87 20.62
N GLY B 276 -25.13 2.91 19.50
CA GLY B 276 -24.33 1.78 19.05
C GLY B 276 -25.10 0.60 18.47
N ARG B 277 -26.23 0.87 17.82
CA ARG B 277 -27.10 -0.16 17.20
C ARG B 277 -28.12 0.49 16.27
N SER C 4 -15.28 1.80 -30.58
CA SER C 4 -15.66 0.40 -30.62
C SER C 4 -16.99 0.17 -31.36
N PRO C 5 -16.97 -0.74 -32.36
CA PRO C 5 -18.14 -1.03 -33.20
C PRO C 5 -19.07 -2.04 -32.56
N PHE C 6 -18.79 -2.48 -31.33
CA PHE C 6 -19.51 -3.59 -30.71
C PHE C 6 -20.81 -3.15 -30.01
N THR C 7 -21.72 -2.64 -30.82
CA THR C 7 -23.00 -2.12 -30.36
C THR C 7 -24.06 -3.08 -30.86
N GLY C 8 -25.22 -3.10 -30.21
CA GLY C 8 -26.32 -3.95 -30.66
C GLY C 8 -27.65 -3.22 -30.69
N SER C 9 -28.69 -3.83 -30.15
CA SER C 9 -30.02 -3.20 -30.11
C SER C 9 -30.04 -1.92 -29.24
N ALA C 10 -29.21 -1.89 -28.21
CA ALA C 10 -29.25 -0.79 -27.23
C ALA C 10 -28.68 0.48 -27.82
N ALA C 11 -29.42 1.58 -27.74
CA ALA C 11 -28.98 2.86 -28.30
C ALA C 11 -28.49 3.82 -27.22
N PRO C 12 -27.58 4.72 -27.59
CA PRO C 12 -27.03 5.69 -26.63
C PRO C 12 -28.14 6.59 -26.09
N THR C 13 -27.99 7.01 -24.84
CA THR C 13 -28.93 7.92 -24.21
C THR C 13 -28.74 9.32 -24.81
N PRO C 14 -29.82 9.90 -25.36
CA PRO C 14 -29.77 11.19 -26.08
C PRO C 14 -29.44 12.35 -25.17
N GLU C 15 -29.99 12.36 -23.97
CA GLU C 15 -29.82 13.48 -23.06
C GLU C 15 -29.62 12.99 -21.62
N TRP C 16 -28.56 13.47 -20.97
CA TRP C 16 -28.37 13.22 -19.55
C TRP C 16 -28.99 14.34 -18.72
N ARG C 17 -29.95 13.98 -17.88
CA ARG C 17 -30.76 15.00 -17.20
C ARG C 17 -30.25 15.37 -15.81
N HIS C 18 -29.50 14.47 -15.17
CA HIS C 18 -29.14 14.66 -13.77
C HIS C 18 -27.66 14.95 -13.59
N LEU C 19 -26.96 15.09 -14.70
N LEU C 19 -26.97 15.02 -14.72
CA LEU C 19 -25.63 15.66 -14.64
CA LEU C 19 -25.55 15.38 -14.81
C LEU C 19 -25.38 16.29 -15.98
C LEU C 19 -25.38 16.27 -16.03
N ARG C 20 -24.37 17.13 -16.05
CA ARG C 20 -24.06 17.80 -17.29
C ARG C 20 -22.93 17.06 -17.99
N VAL C 21 -23.18 16.62 -19.22
CA VAL C 21 -22.17 15.86 -19.95
C VAL C 21 -21.84 16.55 -21.26
N GLU C 22 -20.54 16.73 -21.50
CA GLU C 22 -20.05 17.40 -22.69
C GLU C 22 -18.85 16.64 -23.20
N ILE C 23 -18.84 16.40 -24.50
CA ILE C 23 -17.73 15.71 -25.14
C ILE C 23 -17.16 16.55 -26.28
N THR C 24 -15.86 16.80 -26.23
CA THR C 24 -15.19 17.55 -27.28
C THR C 24 -13.94 16.78 -27.64
N ASP C 25 -13.87 16.25 -28.85
CA ASP C 25 -12.61 15.66 -29.34
C ASP C 25 -11.99 14.60 -28.38
N GLY C 26 -12.80 13.59 -28.03
CA GLY C 26 -12.34 12.50 -27.19
C GLY C 26 -12.25 12.77 -25.68
N VAL C 27 -12.58 13.97 -25.25
CA VAL C 27 -12.57 14.26 -23.80
C VAL C 27 -13.99 14.53 -23.30
N ALA C 28 -14.43 13.72 -22.36
CA ALA C 28 -15.73 13.95 -21.73
C ALA C 28 -15.54 14.77 -20.48
N THR C 29 -16.37 15.79 -20.31
CA THR C 29 -16.44 16.51 -19.06
C THR C 29 -17.80 16.26 -18.43
N VAL C 30 -17.79 15.73 -17.22
CA VAL C 30 -19.01 15.46 -16.49
C VAL C 30 -19.04 16.43 -15.31
N THR C 31 -19.99 17.35 -15.32
CA THR C 31 -20.07 18.37 -14.27
C THR C 31 -21.28 18.10 -13.37
N LEU C 32 -21.05 18.02 -12.08
CA LEU C 32 -22.15 17.75 -11.17
C LEU C 32 -23.06 18.96 -11.12
N ALA C 33 -24.36 18.69 -11.16
CA ALA C 33 -25.41 19.73 -11.10
C ALA C 33 -25.56 20.30 -9.68
N ARG C 34 -26.31 21.39 -9.51
CA ARG C 34 -26.78 21.80 -8.17
C ARG C 34 -25.77 22.51 -7.26
N PRO C 35 -25.07 23.53 -7.77
CA PRO C 35 -24.12 24.31 -6.96
C PRO C 35 -24.78 24.86 -5.71
N ASP C 36 -26.05 25.19 -5.82
CA ASP C 36 -26.82 25.66 -4.67
C ASP C 36 -26.77 24.69 -3.51
N LYS C 37 -26.82 23.39 -3.82
CA LYS C 37 -26.84 22.36 -2.78
C LYS C 37 -25.50 21.68 -2.59
N LEU C 38 -24.43 22.38 -2.95
CA LEU C 38 -23.08 21.83 -2.87
C LEU C 38 -22.95 20.55 -3.70
N ASN C 39 -23.69 20.50 -4.80
CA ASN C 39 -23.66 19.37 -5.73
C ASN C 39 -23.97 18.03 -5.08
N ALA C 40 -24.74 18.07 -3.99
CA ALA C 40 -25.20 16.86 -3.34
C ALA C 40 -25.80 15.91 -4.37
N LEU C 41 -25.50 14.62 -4.22
CA LEU C 41 -25.90 13.60 -5.18
C LEU C 41 -27.30 13.05 -4.87
N THR C 42 -28.16 12.99 -5.88
CA THR C 42 -29.45 12.35 -5.77
C THR C 42 -29.40 10.95 -6.33
N PHE C 43 -30.46 10.18 -6.05
CA PHE C 43 -30.61 8.83 -6.57
C PHE C 43 -30.43 8.83 -8.08
N GLU C 44 -30.98 9.85 -8.75
CA GLU C 44 -30.94 9.90 -10.20
C GLU C 44 -29.55 10.26 -10.71
N ALA C 45 -28.84 11.07 -9.93
CA ALA C 45 -27.46 11.40 -10.25
C ALA C 45 -26.63 10.12 -10.23
N TYR C 46 -26.79 9.29 -9.20
CA TYR C 46 -26.06 8.01 -9.16
C TYR C 46 -26.43 7.12 -10.33
N ALA C 47 -27.70 7.13 -10.70
CA ALA C 47 -28.18 6.28 -11.79
C ALA C 47 -27.57 6.74 -13.11
N ASP C 48 -27.50 8.05 -13.28
CA ASP C 48 -26.88 8.60 -14.49
C ASP C 48 -25.37 8.31 -14.52
N LEU C 49 -24.69 8.42 -13.38
CA LEU C 49 -23.25 8.03 -13.34
C LEU C 49 -23.07 6.58 -13.78
N ARG C 50 -23.82 5.68 -13.16
CA ARG C 50 -23.77 4.27 -13.52
C ARG C 50 -24.00 4.08 -15.02
N ASP C 51 -25.13 4.59 -15.51
CA ASP C 51 -25.52 4.34 -16.89
C ASP C 51 -24.61 5.08 -17.91
N LEU C 52 -24.13 6.27 -17.57
CA LEU C 52 -23.21 6.96 -18.49
C LEU C 52 -21.86 6.23 -18.62
N LEU C 53 -21.33 5.76 -17.48
CA LEU C 53 -20.03 5.08 -17.53
C LEU C 53 -20.16 3.78 -18.31
N ALA C 54 -21.27 3.06 -18.11
CA ALA C 54 -21.52 1.85 -18.89
C ALA C 54 -21.59 2.17 -20.38
N GLU C 55 -22.29 3.24 -20.75
N GLU C 55 -22.26 3.25 -20.75
CA GLU C 55 -22.38 3.60 -22.16
CA GLU C 55 -22.41 3.58 -22.17
C GLU C 55 -21.00 3.96 -22.69
C GLU C 55 -21.10 4.13 -22.77
N LEU C 56 -20.31 4.84 -21.97
CA LEU C 56 -19.01 5.34 -22.45
C LEU C 56 -18.04 4.17 -22.57
N SER C 57 -18.12 3.22 -21.62
CA SER C 57 -17.21 2.08 -21.63
C SER C 57 -17.47 1.13 -22.77
N ARG C 58 -18.74 0.80 -23.01
CA ARG C 58 -19.03 -0.23 -24.03
C ARG C 58 -18.77 0.27 -25.44
N ARG C 59 -18.69 1.56 -25.65
CA ARG C 59 -18.26 1.99 -26.98
C ARG C 59 -16.88 2.63 -27.02
N ARG C 60 -16.07 2.46 -25.98
N ARG C 60 -16.12 2.46 -25.93
CA ARG C 60 -14.77 3.13 -25.90
CA ARG C 60 -14.84 3.13 -25.74
C ARG C 60 -14.92 4.52 -26.51
C ARG C 60 -14.92 4.49 -26.45
N ALA C 61 -15.81 5.31 -25.92
CA ALA C 61 -16.26 6.53 -26.56
C ALA C 61 -15.24 7.66 -26.48
N VAL C 62 -14.51 7.72 -25.38
CA VAL C 62 -13.64 8.84 -25.13
C VAL C 62 -12.27 8.34 -24.71
N ARG C 63 -11.30 9.24 -24.74
CA ARG C 63 -9.95 8.91 -24.34
C ARG C 63 -9.57 9.51 -22.99
N ALA C 64 -10.48 10.30 -22.41
CA ALA C 64 -10.27 10.78 -21.05
C ALA C 64 -11.56 11.41 -20.54
N LEU C 65 -11.75 11.40 -19.22
CA LEU C 65 -12.97 11.98 -18.64
C LEU C 65 -12.64 12.83 -17.43
N VAL C 66 -13.15 14.06 -17.42
CA VAL C 66 -12.98 14.93 -16.26
C VAL C 66 -14.26 14.94 -15.43
N LEU C 67 -14.12 14.73 -14.13
CA LEU C 67 -15.25 14.82 -13.21
C LEU C 67 -15.08 16.15 -12.46
N ALA C 68 -16.08 17.02 -12.55
CA ALA C 68 -15.97 18.37 -12.02
C ALA C 68 -17.22 18.79 -11.26
N GLY C 69 -17.12 19.87 -10.48
CA GLY C 69 -18.25 20.38 -9.75
C GLY C 69 -18.23 21.89 -9.77
N GLU C 70 -19.37 22.51 -10.08
CA GLU C 70 -19.45 23.97 -10.08
C GLU C 70 -19.77 24.51 -8.70
N GLY C 71 -19.58 25.81 -8.52
CA GLY C 71 -19.87 26.45 -7.25
C GLY C 71 -18.67 26.48 -6.32
N ARG C 72 -18.94 26.29 -5.03
CA ARG C 72 -17.95 26.48 -3.98
C ARG C 72 -17.11 25.25 -3.73
N GLY C 73 -17.50 24.11 -4.30
CA GLY C 73 -16.79 22.90 -3.98
C GLY C 73 -17.14 21.80 -4.94
N PHE C 74 -16.34 20.75 -4.91
CA PHE C 74 -16.52 19.57 -5.75
C PHE C 74 -17.86 18.90 -5.51
N CYS C 75 -18.04 18.34 -4.32
CA CYS C 75 -19.26 17.59 -4.01
C CYS C 75 -19.34 17.31 -2.51
N SER C 76 -20.46 17.69 -1.91
N SER C 76 -20.43 17.71 -1.87
CA SER C 76 -20.70 17.51 -0.47
CA SER C 76 -20.57 17.45 -0.43
C SER C 76 -21.14 16.10 -0.09
C SER C 76 -21.39 16.19 -0.12
N GLY C 77 -21.44 15.27 -1.08
CA GLY C 77 -21.90 13.94 -0.83
C GLY C 77 -23.34 13.72 -1.19
N GLY C 78 -23.95 12.71 -0.55
CA GLY C 78 -25.35 12.40 -0.74
C GLY C 78 -26.22 13.45 -0.09
N ASP C 79 -27.18 13.94 -0.87
CA ASP C 79 -28.20 14.87 -0.41
C ASP C 79 -28.89 14.37 0.88
N VAL C 80 -28.83 15.16 1.95
CA VAL C 80 -29.39 14.68 3.23
C VAL C 80 -30.92 14.50 3.25
N ASP C 81 -31.64 15.39 2.60
N ASP C 81 -31.62 15.42 2.61
CA ASP C 81 -33.09 15.27 2.55
CA ASP C 81 -33.07 15.34 2.50
C ASP C 81 -33.47 14.20 1.55
C ASP C 81 -33.43 14.20 1.57
N GLU C 82 -32.88 14.27 0.36
CA GLU C 82 -33.24 13.38 -0.72
C GLU C 82 -32.71 11.95 -0.63
N ILE C 83 -31.63 11.73 0.10
CA ILE C 83 -31.08 10.39 0.20
C ILE C 83 -31.44 9.75 1.53
N ILE C 84 -30.84 10.27 2.59
CA ILE C 84 -31.01 9.66 3.91
C ILE C 84 -32.48 9.56 4.30
N GLY C 85 -33.22 10.64 4.13
CA GLY C 85 -34.63 10.64 4.49
C GLY C 85 -35.37 9.53 3.78
N ALA C 86 -35.15 9.44 2.47
CA ALA C 86 -35.79 8.41 1.67
C ALA C 86 -35.38 7.01 2.10
N THR C 87 -34.10 6.81 2.43
CA THR C 87 -33.67 5.44 2.72
C THR C 87 -34.31 4.90 3.99
N LEU C 88 -34.69 5.80 4.89
CA LEU C 88 -35.30 5.39 6.16
C LEU C 88 -36.66 4.70 6.01
N SER C 89 -37.30 4.84 4.86
CA SER C 89 -38.54 4.11 4.64
C SER C 89 -38.43 3.02 3.55
N ASP C 91 -37.47 -0.73 1.93
CA ASP C 91 -37.44 -2.13 2.32
C ASP C 91 -36.02 -2.71 2.20
N THR C 92 -35.86 -3.95 2.68
CA THR C 92 -34.56 -4.59 2.78
C THR C 92 -33.86 -4.73 1.41
N ALA C 93 -34.61 -5.11 0.39
CA ALA C 93 -34.01 -5.31 -0.94
C ALA C 93 -33.58 -3.96 -1.54
N ARG C 94 -34.36 -2.93 -1.27
CA ARG C 94 -34.00 -1.62 -1.79
C ARG C 94 -32.80 -0.99 -1.10
N LEU C 95 -32.66 -1.25 0.20
CA LEU C 95 -31.48 -0.75 0.88
C LEU C 95 -30.24 -1.37 0.26
N LEU C 96 -30.33 -2.66 -0.07
CA LEU C 96 -29.20 -3.36 -0.65
C LEU C 96 -28.94 -2.87 -2.07
N ASP C 97 -30.02 -2.72 -2.84
CA ASP C 97 -29.95 -2.14 -4.19
C ASP C 97 -29.24 -0.78 -4.20
N PHE C 98 -29.61 0.09 -3.26
CA PHE C 98 -29.04 1.42 -3.26
C PHE C 98 -27.51 1.37 -3.05
N ASN C 99 -27.10 0.66 -2.00
CA ASN C 99 -25.70 0.58 -1.64
C ASN C 99 -24.88 -0.25 -2.62
N ARG C 100 -25.55 -1.14 -3.34
CA ARG C 100 -24.86 -1.83 -4.41
C ARG C 100 -24.57 -0.86 -5.56
N THR C 102 -24.16 2.49 -5.59
CA THR C 102 -23.09 3.42 -5.31
C THR C 102 -21.70 2.77 -5.45
N GLY C 103 -21.51 1.60 -4.84
CA GLY C 103 -20.26 0.86 -5.00
C GLY C 103 -19.96 0.46 -6.45
N GLN C 104 -21.01 0.10 -7.18
N GLN C 104 -20.99 0.13 -7.21
CA GLN C 104 -20.90 -0.16 -8.61
CA GLN C 104 -20.72 -0.20 -8.60
C GLN C 104 -20.31 1.03 -9.33
C GLN C 104 -20.45 1.04 -9.47
N VAL C 105 -20.78 2.23 -8.97
CA VAL C 105 -20.31 3.44 -9.64
C VAL C 105 -18.79 3.59 -9.46
N VAL C 106 -18.32 3.37 -8.24
CA VAL C 106 -16.89 3.44 -7.94
C VAL C 106 -16.14 2.36 -8.71
N ARG C 107 -16.66 1.13 -8.70
CA ARG C 107 -16.07 0.09 -9.52
C ARG C 107 -16.02 0.52 -10.99
N ALA C 108 -17.09 1.13 -11.50
CA ALA C 108 -17.10 1.49 -12.92
C ALA C 108 -16.02 2.55 -13.21
N VAL C 109 -15.76 3.45 -12.26
CA VAL C 109 -14.65 4.42 -12.45
C VAL C 109 -13.29 3.70 -12.51
N ARG C 110 -13.10 2.68 -11.66
CA ARG C 110 -11.85 1.95 -11.64
C ARG C 110 -11.65 1.12 -12.91
N GLU C 111 -12.76 0.75 -13.55
CA GLU C 111 -12.70 -0.17 -14.70
C GLU C 111 -12.93 0.48 -16.08
N CYS C 112 -13.35 1.74 -16.15
N CYS C 112 -13.23 1.78 -16.10
CA CYS C 112 -13.63 2.28 -17.48
CA CYS C 112 -13.33 2.54 -17.35
C CYS C 112 -12.32 2.44 -18.25
C CYS C 112 -12.12 2.24 -18.22
N PRO C 113 -12.33 2.07 -19.54
CA PRO C 113 -11.16 1.96 -20.42
C PRO C 113 -10.66 3.31 -20.92
N PHE C 114 -10.45 4.24 -19.98
CA PHE C 114 -9.91 5.59 -20.23
C PHE C 114 -9.64 6.20 -18.86
N PRO C 115 -8.64 7.09 -18.76
CA PRO C 115 -8.34 7.72 -17.47
C PRO C 115 -9.43 8.72 -17.05
N VAL C 116 -9.70 8.77 -15.75
CA VAL C 116 -10.66 9.69 -15.13
C VAL C 116 -9.92 10.64 -14.20
N ILE C 117 -10.19 11.94 -14.36
CA ILE C 117 -9.54 13.02 -13.61
C ILE C 117 -10.58 13.76 -12.80
N ALA C 118 -10.37 13.87 -11.49
CA ALA C 118 -11.24 14.68 -10.66
C ALA C 118 -10.66 16.11 -10.51
N ALA C 119 -11.42 17.11 -10.95
CA ALA C 119 -10.99 18.51 -10.72
C ALA C 119 -11.52 19.04 -9.38
N LEU C 120 -10.64 19.06 -8.39
CA LEU C 120 -11.05 19.29 -7.04
C LEU C 120 -10.80 20.73 -6.59
N HIS C 121 -11.76 21.26 -5.82
CA HIS C 121 -11.62 22.54 -5.12
C HIS C 121 -12.68 22.47 -4.02
N GLY C 122 -12.50 23.23 -2.95
CA GLY C 122 -13.47 23.21 -1.88
C GLY C 122 -13.65 21.80 -1.30
N VAL C 123 -14.86 21.52 -0.86
CA VAL C 123 -15.09 20.29 -0.17
C VAL C 123 -15.45 19.08 -1.04
N ALA C 124 -14.78 17.97 -0.78
CA ALA C 124 -15.16 16.68 -1.32
C ALA C 124 -15.45 15.81 -0.12
N ALA C 125 -16.72 15.55 0.13
CA ALA C 125 -17.13 14.88 1.36
C ALA C 125 -18.01 13.68 1.10
N GLY C 126 -17.91 12.66 1.94
CA GLY C 126 -18.76 11.50 1.82
C GLY C 126 -18.57 10.88 0.44
N ALA C 127 -19.68 10.63 -0.25
CA ALA C 127 -19.61 10.07 -1.61
C ALA C 127 -18.69 10.89 -2.54
N GLY C 128 -18.69 12.21 -2.37
CA GLY C 128 -17.84 13.07 -3.18
C GLY C 128 -16.36 12.80 -2.93
N ALA C 129 -16.01 12.49 -1.68
CA ALA C 129 -14.65 12.09 -1.36
C ALA C 129 -14.29 10.74 -2.00
N VAL C 130 -15.24 9.82 -2.05
CA VAL C 130 -14.93 8.49 -2.61
C VAL C 130 -14.85 8.53 -4.14
N LEU C 131 -15.76 9.27 -4.77
CA LEU C 131 -15.65 9.52 -6.19
C LEU C 131 -14.27 10.10 -6.53
N ALA C 132 -13.82 11.06 -5.74
CA ALA C 132 -12.51 11.66 -6.03
C ALA C 132 -11.39 10.64 -5.86
N LEU C 133 -11.50 9.82 -4.82
CA LEU C 133 -10.51 8.79 -4.52
C LEU C 133 -10.44 7.73 -5.64
N ALA C 134 -11.56 7.47 -6.31
CA ALA C 134 -11.58 6.44 -7.33
C ALA C 134 -10.96 6.90 -8.64
N ALA C 135 -10.92 8.21 -8.83
CA ALA C 135 -10.39 8.73 -10.08
C ALA C 135 -8.93 8.30 -10.26
N ASP C 136 -8.44 8.26 -11.49
CA ASP C 136 -7.03 7.97 -11.70
C ASP C 136 -6.11 9.13 -11.27
N PHE C 137 -6.57 10.37 -11.50
CA PHE C 137 -5.82 11.56 -11.11
C PHE C 137 -6.73 12.52 -10.30
N ARG C 138 -6.16 13.18 -9.30
CA ARG C 138 -6.87 14.22 -8.53
C ARG C 138 -6.08 15.53 -8.73
N VAL C 139 -6.67 16.42 -9.51
CA VAL C 139 -6.04 17.72 -9.80
C VAL C 139 -6.73 18.75 -8.91
N ALA C 140 -5.97 19.31 -7.96
CA ALA C 140 -6.60 20.00 -6.83
C ALA C 140 -5.98 21.37 -6.60
N ASP C 141 -6.82 22.37 -6.32
CA ASP C 141 -6.31 23.67 -5.91
C ASP C 141 -6.21 23.72 -4.37
N PRO C 142 -5.59 24.77 -3.81
CA PRO C 142 -5.28 24.76 -2.37
C PRO C 142 -6.48 24.74 -1.42
N SER C 143 -7.67 25.03 -1.92
CA SER C 143 -8.87 25.00 -1.07
C SER C 143 -9.46 23.59 -0.89
N THR C 144 -8.90 22.62 -1.58
CA THR C 144 -9.45 21.27 -1.58
C THR C 144 -9.43 20.68 -0.18
N ARG C 145 -10.58 20.16 0.26
N ARG C 145 -10.56 20.09 0.24
CA ARG C 145 -10.68 19.42 1.51
CA ARG C 145 -10.67 19.46 1.57
C ARG C 145 -11.32 18.08 1.20
C ARG C 145 -11.47 18.16 1.50
N PHE C 146 -10.84 17.02 1.85
CA PHE C 146 -11.52 15.73 1.85
C PHE C 146 -12.08 15.47 3.24
N ALA C 147 -13.31 14.95 3.33
CA ALA C 147 -13.80 14.38 4.57
C ALA C 147 -14.47 13.03 4.29
N PHE C 148 -13.90 11.96 4.84
CA PHE C 148 -14.49 10.64 4.68
C PHE C 148 -15.37 10.39 5.88
N LEU C 149 -16.57 10.96 5.88
CA LEU C 149 -17.27 11.19 7.13
C LEU C 149 -18.50 10.34 7.36
N PHE C 150 -18.54 9.15 6.75
CA PHE C 150 -19.67 8.25 6.92
C PHE C 150 -20.00 7.97 8.39
N THR C 151 -18.99 7.83 9.24
CA THR C 151 -19.25 7.46 10.64
C THR C 151 -20.01 8.59 11.37
N ARG C 152 -19.93 9.79 10.83
CA ARG C 152 -20.64 10.93 11.40
C ARG C 152 -22.13 10.80 11.20
N VAL C 153 -22.56 9.94 10.27
CA VAL C 153 -23.99 9.73 10.06
C VAL C 153 -24.42 8.35 10.57
N GLY C 154 -23.50 7.69 11.26
CA GLY C 154 -23.81 6.41 11.88
C GLY C 154 -23.66 5.27 10.91
N LEU C 155 -22.89 5.48 9.84
CA LEU C 155 -22.60 4.41 8.88
C LEU C 155 -21.12 4.10 8.92
N SER C 156 -20.70 3.00 8.32
CA SER C 156 -19.30 2.63 8.43
C SER C 156 -18.49 3.37 7.36
N GLY C 157 -17.22 3.59 7.64
CA GLY C 157 -16.38 4.36 6.74
C GLY C 157 -16.01 3.62 5.48
N GLY C 158 -16.18 2.30 5.49
CA GLY C 158 -15.95 1.51 4.30
C GLY C 158 -17.18 1.50 3.41
N ASP C 159 -17.48 2.66 2.85
CA ASP C 159 -18.68 2.85 2.05
C ASP C 159 -18.24 2.94 0.59
N GLY C 161 -16.54 1.29 -1.43
CA GLY C 161 -15.19 0.95 -1.80
C GLY C 161 -14.09 1.74 -1.11
N ALA C 162 -14.47 2.64 -0.20
CA ALA C 162 -13.48 3.52 0.45
C ALA C 162 -12.50 2.72 1.28
N ALA C 163 -12.98 1.69 1.96
CA ALA C 163 -12.12 0.88 2.84
C ALA C 163 -11.15 0.03 2.02
N TYR C 164 -11.52 -0.23 0.76
CA TYR C 164 -10.62 -0.93 -0.13
C TYR C 164 -9.58 0.04 -0.73
N LEU C 165 -10.05 1.15 -1.29
CA LEU C 165 -9.16 2.04 -2.03
C LEU C 165 -8.24 2.88 -1.15
N LEU C 166 -8.78 3.41 -0.05
CA LEU C 166 -7.97 4.38 0.68
C LEU C 166 -6.65 3.79 1.21
N PRO C 167 -6.71 2.62 1.87
CA PRO C 167 -5.41 2.11 2.34
C PRO C 167 -4.44 1.83 1.19
N ARG C 168 -4.93 1.52 -0.02
CA ARG C 168 -4.03 1.26 -1.15
C ARG C 168 -3.46 2.54 -1.73
N VAL C 169 -4.09 3.67 -1.41
CA VAL C 169 -3.57 4.97 -1.82
C VAL C 169 -2.68 5.62 -0.75
N VAL C 170 -3.14 5.67 0.50
CA VAL C 170 -2.39 6.41 1.53
C VAL C 170 -1.76 5.53 2.61
N GLY C 171 -1.97 4.21 2.56
CA GLY C 171 -1.48 3.36 3.65
C GLY C 171 -2.53 3.07 4.72
N LEU C 172 -2.36 1.93 5.40
CA LEU C 172 -3.36 1.47 6.37
C LEU C 172 -3.51 2.37 7.60
N GLY C 173 -2.42 2.99 8.05
CA GLY C 173 -2.46 3.85 9.24
C GLY C 173 -3.28 5.11 8.99
N HIS C 174 -2.90 5.84 7.96
CA HIS C 174 -3.66 7.01 7.53
C HIS C 174 -5.12 6.67 7.19
N ALA C 175 -5.34 5.54 6.50
CA ALA C 175 -6.70 5.23 6.08
C ALA C 175 -7.61 4.97 7.27
N THR C 176 -7.08 4.29 8.27
CA THR C 176 -7.87 3.99 9.46
C THR C 176 -8.32 5.26 10.16
N ARG C 177 -7.36 6.17 10.29
CA ARG C 177 -7.58 7.45 10.95
C ARG C 177 -8.61 8.27 10.18
N LEU C 178 -8.44 8.37 8.86
CA LEU C 178 -9.36 9.13 8.02
C LEU C 178 -10.78 8.59 8.07
N LEU C 179 -10.93 7.27 8.01
CA LEU C 179 -12.25 6.65 7.85
C LEU C 179 -12.99 6.45 9.17
N LEU C 181 -12.51 8.37 12.00
CA LEU C 181 -12.82 9.65 12.66
C LEU C 181 -13.54 10.64 11.75
N GLY C 182 -13.29 10.55 10.44
CA GLY C 182 -14.00 11.37 9.49
C GLY C 182 -13.57 12.83 9.53
N ASP C 183 -12.37 13.10 10.04
CA ASP C 183 -11.90 14.50 10.09
C ASP C 183 -11.40 15.02 8.74
N THR C 184 -11.59 16.32 8.55
CA THR C 184 -11.18 17.00 7.33
C THR C 184 -9.69 16.81 7.04
N VAL C 185 -9.38 16.52 5.78
CA VAL C 185 -8.01 16.51 5.29
C VAL C 185 -7.83 17.68 4.35
N ARG C 186 -7.02 18.65 4.76
N ARG C 186 -7.01 18.64 4.76
CA ARG C 186 -6.78 19.81 3.91
CA ARG C 186 -6.75 19.84 3.98
C ARG C 186 -5.66 19.55 2.93
C ARG C 186 -5.65 19.58 2.97
N ALA C 187 -5.52 20.46 1.97
CA ALA C 187 -4.58 20.24 0.86
C ALA C 187 -3.14 19.82 1.23
N PRO C 188 -2.49 20.50 2.20
CA PRO C 188 -1.10 20.10 2.53
C PRO C 188 -0.97 18.66 3.07
N GLU C 189 -1.80 18.26 4.01
CA GLU C 189 -1.80 16.88 4.46
C GLU C 189 -2.13 15.92 3.28
N ALA C 190 -3.16 16.24 2.50
CA ALA C 190 -3.56 15.40 1.37
C ALA C 190 -2.37 15.14 0.44
N GLU C 191 -1.67 16.21 0.08
CA GLU C 191 -0.44 16.13 -0.70
C GLU C 191 0.59 15.19 -0.04
N ARG C 192 0.79 15.35 1.27
N ARG C 192 0.79 15.33 1.27
CA ARG C 192 1.78 14.56 2.01
CA ARG C 192 1.81 14.56 1.97
C ARG C 192 1.48 13.08 1.96
C ARG C 192 1.50 13.06 2.09
N ILE C 193 0.23 12.71 2.18
CA ILE C 193 -0.12 11.31 2.31
C ILE C 193 -0.45 10.58 1.00
N GLY C 194 -0.45 11.33 -0.11
CA GLY C 194 -0.56 10.73 -1.43
C GLY C 194 -1.91 10.85 -2.14
N LEU C 195 -2.77 11.74 -1.64
CA LEU C 195 -4.08 11.96 -2.25
C LEU C 195 -4.10 12.92 -3.43
N ILE C 196 -3.02 13.65 -3.69
CA ILE C 196 -3.06 14.69 -4.72
C ILE C 196 -2.13 14.34 -5.87
N SER C 197 -2.66 14.36 -7.11
CA SER C 197 -1.84 14.07 -8.29
C SER C 197 -1.15 15.32 -8.81
N GLU C 198 -1.87 16.44 -8.77
CA GLU C 198 -1.32 17.73 -9.19
C GLU C 198 -1.95 18.86 -8.36
N LEU C 199 -1.10 19.65 -7.72
CA LEU C 199 -1.57 20.78 -6.91
C LEU C 199 -1.51 22.03 -7.81
N THR C 200 -2.62 22.74 -7.95
CA THR C 200 -2.64 23.90 -8.84
C THR C 200 -2.71 25.18 -7.97
N GLU C 201 -2.62 26.33 -8.63
CA GLU C 201 -2.86 27.60 -7.95
C GLU C 201 -4.34 27.70 -7.70
N GLU C 202 -4.71 28.57 -6.76
N GLU C 202 -4.72 28.57 -6.77
CA GLU C 202 -6.12 28.82 -6.43
CA GLU C 202 -6.12 28.77 -6.46
C GLU C 202 -6.91 29.09 -7.70
C GLU C 202 -6.91 29.06 -7.73
N GLY C 203 -8.07 28.45 -7.84
CA GLY C 203 -8.94 28.68 -8.99
C GLY C 203 -8.53 28.04 -10.31
N ARG C 204 -7.40 27.35 -10.36
CA ARG C 204 -6.94 26.76 -11.63
C ARG C 204 -7.21 25.25 -11.80
N ALA C 205 -8.02 24.66 -10.93
CA ALA C 205 -8.16 23.19 -10.94
C ALA C 205 -8.84 22.70 -12.21
N ASP C 206 -9.90 23.37 -12.65
CA ASP C 206 -10.63 22.91 -13.83
C ASP C 206 -9.80 23.05 -15.11
N GLU C 207 -9.05 24.15 -15.20
CA GLU C 207 -8.21 24.38 -16.37
C GLU C 207 -7.08 23.36 -16.39
N ALA C 208 -6.44 23.16 -15.25
CA ALA C 208 -5.37 22.19 -15.18
C ALA C 208 -5.91 20.79 -15.49
N ALA C 209 -7.09 20.46 -14.99
CA ALA C 209 -7.67 19.14 -15.29
C ALA C 209 -7.94 18.98 -16.79
N ARG C 210 -8.42 20.06 -17.41
CA ARG C 210 -8.68 20.05 -18.84
C ARG C 210 -7.38 19.84 -19.61
N THR C 211 -6.32 20.50 -19.16
CA THR C 211 -5.03 20.40 -19.82
C THR C 211 -4.50 18.97 -19.69
N LEU C 212 -4.65 18.39 -18.51
CA LEU C 212 -4.21 17.02 -18.30
C LEU C 212 -5.04 16.06 -19.16
N ALA C 213 -6.35 16.27 -19.22
CA ALA C 213 -7.19 15.36 -19.99
C ALA C 213 -6.77 15.41 -21.45
N ARG C 214 -6.40 16.60 -21.93
CA ARG C 214 -6.05 16.75 -23.34
C ARG C 214 -4.69 16.13 -23.61
N ARG C 215 -3.80 16.26 -22.63
CA ARG C 215 -2.53 15.58 -22.69
C ARG C 215 -2.71 14.06 -22.84
N LEU C 216 -3.52 13.45 -21.97
CA LEU C 216 -3.85 12.03 -22.12
C LEU C 216 -4.54 11.69 -23.43
N ALA C 217 -5.51 12.51 -23.83
CA ALA C 217 -6.21 12.24 -25.08
C ALA C 217 -5.32 12.39 -26.33
N ASP C 218 -4.24 13.16 -26.23
CA ASP C 218 -3.28 13.35 -27.32
C ASP C 218 -2.28 12.18 -27.41
N GLY C 219 -2.25 11.33 -26.38
CA GLY C 219 -1.31 10.23 -26.29
C GLY C 219 -1.85 8.89 -26.81
N PRO C 220 -1.08 7.80 -26.60
CA PRO C 220 -1.49 6.52 -27.17
C PRO C 220 -2.59 5.88 -26.29
N ALA C 221 -3.83 5.93 -26.75
CA ALA C 221 -4.97 5.67 -25.88
C ALA C 221 -4.99 4.21 -25.36
N LEU C 222 -4.59 3.28 -26.21
CA LEU C 222 -4.62 1.87 -25.84
C LEU C 222 -3.55 1.55 -24.77
N ALA C 223 -2.38 2.15 -24.92
CA ALA C 223 -1.35 2.06 -23.91
C ALA C 223 -1.83 2.65 -22.59
N HIS C 224 -2.49 3.81 -22.63
CA HIS C 224 -3.01 4.41 -21.38
C HIS C 224 -4.03 3.50 -20.72
N ALA C 225 -4.96 2.98 -21.51
CA ALA C 225 -6.07 2.18 -20.99
C ALA C 225 -5.55 0.90 -20.36
N GLN C 226 -4.62 0.24 -21.05
CA GLN C 226 -4.09 -1.01 -20.47
C GLN C 226 -3.29 -0.72 -19.21
N THR C 227 -2.66 0.47 -19.12
CA THR C 227 -1.88 0.81 -17.92
C THR C 227 -2.83 0.85 -16.75
N LYS C 228 -3.98 1.48 -16.96
CA LYS C 228 -5.00 1.52 -15.92
C LYS C 228 -5.59 0.12 -15.62
N ALA C 229 -5.95 -0.64 -16.65
CA ALA C 229 -6.51 -1.96 -16.42
C ALA C 229 -5.52 -2.84 -15.61
N LEU C 230 -4.23 -2.76 -15.92
CA LEU C 230 -3.25 -3.62 -15.25
C LEU C 230 -3.02 -3.18 -13.82
N LEU C 231 -2.93 -1.88 -13.59
CA LEU C 231 -2.84 -1.39 -12.22
C LEU C 231 -4.02 -1.89 -11.41
N THR C 232 -5.23 -1.70 -11.94
CA THR C 232 -6.44 -2.09 -11.24
C THR C 232 -6.46 -3.60 -10.96
N ALA C 233 -6.17 -4.41 -11.97
CA ALA C 233 -6.28 -5.86 -11.80
C ALA C 233 -5.19 -6.38 -10.86
N GLU C 234 -3.99 -5.80 -10.97
CA GLU C 234 -2.85 -6.35 -10.26
C GLU C 234 -2.86 -5.98 -8.80
N LEU C 235 -3.69 -5.00 -8.42
CA LEU C 235 -3.94 -4.84 -6.97
C LEU C 235 -4.49 -6.13 -6.31
N ASP C 236 -5.15 -6.97 -7.11
CA ASP C 236 -5.86 -8.11 -6.55
C ASP C 236 -5.22 -9.43 -6.99
N PRO C 238 -1.52 -12.17 -7.38
CA PRO C 238 -0.14 -12.37 -6.87
C PRO C 238 0.95 -12.00 -7.91
N LEU C 239 2.19 -11.91 -7.45
CA LEU C 239 3.30 -11.55 -8.34
C LEU C 239 3.41 -12.45 -9.58
N ALA C 240 3.34 -13.76 -9.41
CA ALA C 240 3.58 -14.62 -10.57
C ALA C 240 2.45 -14.42 -11.61
N ALA C 241 1.24 -14.16 -11.15
CA ALA C 241 0.14 -13.92 -12.11
C ALA C 241 0.31 -12.57 -12.78
N ALA C 242 0.75 -11.56 -12.03
CA ALA C 242 0.91 -10.23 -12.59
C ALA C 242 1.87 -10.23 -13.75
N VAL C 243 2.96 -10.97 -13.64
CA VAL C 243 3.88 -10.96 -14.76
C VAL C 243 3.34 -11.72 -15.99
N GLU C 244 2.43 -12.67 -15.79
CA GLU C 244 1.76 -13.32 -16.95
C GLU C 244 0.80 -12.32 -17.64
N LEU C 245 0.05 -11.55 -16.86
CA LEU C 245 -0.81 -10.53 -17.45
C LEU C 245 0.04 -9.45 -18.18
N ASP C 246 1.15 -9.04 -17.55
CA ASP C 246 2.07 -8.09 -18.23
C ASP C 246 2.61 -8.68 -19.53
N ALA C 247 3.05 -9.93 -19.48
CA ALA C 247 3.57 -10.54 -20.69
C ALA C 247 2.56 -10.59 -21.85
N SER C 248 1.33 -11.06 -21.60
N SER C 248 1.34 -11.06 -21.60
CA SER C 248 0.34 -11.15 -22.69
CA SER C 248 0.36 -11.15 -22.69
C SER C 248 0.06 -9.76 -23.21
C SER C 248 0.01 -9.76 -23.21
N THR C 249 -0.11 -8.80 -22.30
CA THR C 249 -0.53 -7.45 -22.68
C THR C 249 0.54 -6.72 -23.46
N GLN C 250 1.79 -6.81 -23.00
CA GLN C 250 2.87 -6.11 -23.68
C GLN C 250 3.09 -6.75 -25.04
N ALA C 251 3.08 -8.07 -25.10
CA ALA C 251 3.23 -8.74 -26.39
C ALA C 251 2.12 -8.25 -27.34
N LEU C 252 0.89 -8.19 -26.84
CA LEU C 252 -0.21 -7.70 -27.67
C LEU C 252 0.07 -6.26 -28.15
N LEU C 253 0.51 -5.41 -27.23
CA LEU C 253 0.73 -4.00 -27.64
C LEU C 253 1.88 -3.86 -28.60
N THR C 255 2.23 -5.64 -31.12
CA THR C 255 1.67 -5.83 -32.45
C THR C 255 0.87 -4.59 -32.86
N GLY C 256 0.75 -3.60 -31.99
CA GLY C 256 -0.09 -2.47 -32.33
C GLY C 256 0.58 -1.40 -33.19
N GLU C 257 -0.23 -0.52 -33.75
CA GLU C 257 0.28 0.54 -34.61
C GLU C 257 1.11 1.57 -33.83
N ASP C 258 0.70 1.90 -32.61
CA ASP C 258 1.41 2.94 -31.85
C ASP C 258 2.84 2.54 -31.52
N TYR C 259 3.06 1.30 -31.09
CA TYR C 259 4.43 0.81 -30.91
C TYR C 259 5.28 0.93 -32.20
N ALA C 260 4.71 0.49 -33.33
CA ALA C 260 5.41 0.57 -34.60
C ALA C 260 5.73 2.03 -34.96
N GLU C 261 4.79 2.92 -34.62
CA GLU C 261 4.91 4.33 -34.97
C GLU C 261 5.97 4.98 -34.10
N PHE C 262 6.10 4.53 -32.84
CA PHE C 262 7.16 5.08 -32.00
C PHE C 262 8.52 4.81 -32.68
N HIS C 263 8.71 3.58 -33.15
CA HIS C 263 10.00 3.25 -33.77
C HIS C 263 10.23 3.98 -35.11
N ALA C 264 9.18 4.07 -35.94
CA ALA C 264 9.24 4.82 -37.21
C ALA C 264 9.56 6.27 -36.96
N ALA C 265 8.85 6.89 -36.03
CA ALA C 265 9.13 8.27 -35.64
C ALA C 265 10.56 8.41 -35.15
N PHE C 266 11.01 7.48 -34.30
CA PHE C 266 12.40 7.55 -33.84
C PHE C 266 13.41 7.52 -34.99
N THR C 267 13.22 6.61 -35.94
CA THR C 267 14.17 6.48 -37.03
C THR C 267 14.19 7.71 -37.94
N GLU C 268 13.06 8.44 -38.04
CA GLU C 268 13.03 9.68 -38.85
C GLU C 268 13.19 10.93 -38.00
N LYS C 269 13.50 10.75 -36.72
CA LYS C 269 13.71 11.89 -35.82
C LYS C 269 12.57 12.91 -35.84
N ARG C 270 11.35 12.40 -35.69
CA ARG C 270 10.13 13.21 -35.71
C ARG C 270 9.19 12.76 -34.56
N PRO C 271 8.20 13.59 -34.23
CA PRO C 271 7.29 13.21 -33.13
C PRO C 271 6.36 12.08 -33.57
N PRO C 272 6.09 11.12 -32.69
CA PRO C 272 5.15 10.06 -33.07
C PRO C 272 3.74 10.63 -33.21
N LYS C 273 2.95 10.12 -34.15
CA LYS C 273 1.54 10.50 -34.26
C LYS C 273 0.69 9.32 -33.80
N TRP C 274 0.14 9.42 -32.61
CA TRP C 274 -0.48 8.28 -31.96
C TRP C 274 -1.89 8.04 -32.53
N GLN C 275 -2.32 6.78 -32.64
CA GLN C 275 -3.70 6.44 -33.05
C GLN C 275 -4.53 5.68 -32.04
N GLY C 276 -3.92 5.17 -30.96
CA GLY C 276 -4.65 4.36 -30.00
C GLY C 276 -5.01 2.96 -30.49
N ARG C 277 -4.14 2.35 -31.31
CA ARG C 277 -4.33 0.98 -31.80
C ARG C 277 -2.94 0.48 -32.22
#